data_6OCX
#
_entry.id   6OCX
#
_cell.length_a   75.866
_cell.length_b   33.035
_cell.length_c   162.402
_cell.angle_alpha   90.00
_cell.angle_beta   99.85
_cell.angle_gamma   90.00
#
_symmetry.space_group_name_H-M   'P 1 21 1'
#
loop_
_entity.id
_entity.type
_entity.pdbx_description
1 polymer 'Calcium and integrin-binding protein 1'
2 polymer 'Peptide inhibitor UNC10245109'
3 non-polymer 'CALCIUM ION'
4 water water
#
loop_
_entity_poly.entity_id
_entity_poly.type
_entity_poly.pdbx_seq_one_letter_code
_entity_poly.pdbx_strand_id
1 'polypeptide(L)'
;MGGSGSRLSKELLAEYQDLTFLTKQEILLAHRRFCELLPQEQRSVESSLRAQVPFEQILSLPELKANPFKERICRVFSTS
PAKDSLSFEDFLDLLSVFSDTATPDIKSHYAFRIFDFDDDGTLNREDLSRLVNCLTGEGEDTRLSASEMKQLIDNILEES
DIDRDGTINLSEFQHVISRSPDFASSFKIVL
;
A,B,C,D
2 'polypeptide(L)' DGGSFWYRAMKALYG F,H,J,L
#
# COMPACT_ATOMS: atom_id res chain seq x y z
N LEU A 19 -6.12 -15.88 -2.42
CA LEU A 19 -6.16 -15.09 -1.18
C LEU A 19 -5.64 -15.85 0.05
N THR A 20 -5.53 -17.17 -0.02
CA THR A 20 -5.02 -17.90 1.11
C THR A 20 -3.70 -18.61 0.77
N PHE A 21 -2.88 -18.81 1.77
CA PHE A 21 -1.52 -19.32 1.63
C PHE A 21 -1.25 -20.52 2.54
N LEU A 22 -0.39 -21.44 2.05
CA LEU A 22 0.06 -22.62 2.79
C LEU A 22 1.56 -22.79 2.54
N THR A 23 2.30 -23.25 3.55
CA THR A 23 3.73 -23.55 3.34
C THR A 23 3.77 -25.03 3.01
N LYS A 24 4.87 -25.50 2.40
CA LYS A 24 5.01 -26.92 2.06
C LYS A 24 4.99 -27.75 3.32
N GLN A 25 5.65 -27.28 4.40
CA GLN A 25 5.72 -27.98 5.68
C GLN A 25 4.33 -28.18 6.26
N GLU A 26 3.48 -27.14 6.25
CA GLU A 26 2.10 -27.21 6.74
C GLU A 26 1.29 -28.27 6.02
N ILE A 27 1.40 -28.35 4.64
CA ILE A 27 0.66 -29.32 3.81
C ILE A 27 1.10 -30.74 4.14
N LEU A 28 2.41 -30.97 4.20
CA LEU A 28 2.97 -32.30 4.47
C LEU A 28 2.64 -32.79 5.87
N LEU A 29 2.76 -31.91 6.87
CA LEU A 29 2.40 -32.29 8.24
C LEU A 29 0.90 -32.49 8.39
N ALA A 30 0.08 -31.68 7.68
CA ALA A 30 -1.39 -31.79 7.74
C ALA A 30 -1.86 -33.14 7.18
N HIS A 31 -1.20 -33.64 6.11
CA HIS A 31 -1.59 -34.90 5.49
C HIS A 31 -1.37 -36.06 6.44
N ARG A 32 -0.24 -36.05 7.18
CA ARG A 32 0.07 -37.06 8.18
CA ARG A 32 0.05 -37.09 8.16
C ARG A 32 -1.01 -37.09 9.28
N ARG A 33 -1.39 -35.89 9.81
CA ARG A 33 -2.42 -35.76 10.88
C ARG A 33 -3.81 -36.21 10.39
N PHE A 34 -4.18 -35.84 9.14
CA PHE A 34 -5.47 -36.22 8.54
C PHE A 34 -5.55 -37.74 8.31
N CYS A 35 -4.47 -38.37 7.78
CA CYS A 35 -4.44 -39.81 7.52
C CYS A 35 -4.58 -40.67 8.77
N GLU A 36 -4.18 -40.15 9.95
CA GLU A 36 -4.31 -40.85 11.23
C GLU A 36 -5.79 -41.00 11.65
N LEU A 37 -6.69 -40.21 11.05
CA LEU A 37 -8.13 -40.21 11.33
C LEU A 37 -8.88 -41.18 10.42
N LEU A 38 -8.18 -41.74 9.42
CA LEU A 38 -8.78 -42.60 8.43
C LEU A 38 -8.65 -44.07 8.74
N PRO A 39 -9.62 -44.92 8.28
CA PRO A 39 -9.42 -46.38 8.40
C PRO A 39 -8.16 -46.73 7.61
N GLN A 40 -7.38 -47.71 8.10
CA GLN A 40 -6.12 -48.15 7.50
C GLN A 40 -6.14 -48.31 5.96
N GLU A 41 -7.23 -48.87 5.40
CA GLU A 41 -7.38 -49.10 3.96
C GLU A 41 -7.50 -47.83 3.10
N GLN A 42 -7.76 -46.66 3.72
CA GLN A 42 -7.93 -45.40 3.00
C GLN A 42 -6.75 -44.44 3.16
N ARG A 43 -5.63 -44.93 3.70
CA ARG A 43 -4.47 -44.09 4.02
C ARG A 43 -3.49 -43.82 2.88
N SER A 44 -3.65 -44.45 1.69
CA SER A 44 -2.75 -44.16 0.57
C SER A 44 -3.03 -42.73 0.10
N VAL A 45 -2.09 -42.11 -0.65
CA VAL A 45 -2.29 -40.72 -1.13
C VAL A 45 -3.58 -40.59 -1.93
N GLU A 46 -3.74 -41.45 -2.93
CA GLU A 46 -4.90 -41.48 -3.81
C GLU A 46 -6.23 -41.62 -3.02
N SER A 47 -6.33 -42.61 -2.11
CA SER A 47 -7.52 -42.82 -1.29
C SER A 47 -7.80 -41.70 -0.27
N SER A 48 -6.76 -41.20 0.39
CA SER A 48 -6.92 -40.15 1.40
C SER A 48 -7.47 -38.86 0.83
N LEU A 49 -7.18 -38.56 -0.45
CA LEU A 49 -7.66 -37.32 -1.07
C LEU A 49 -9.13 -37.40 -1.52
N ARG A 50 -9.75 -38.61 -1.49
CA ARG A 50 -11.16 -38.82 -1.82
C ARG A 50 -11.98 -39.01 -0.53
N ALA A 51 -11.32 -39.27 0.57
CA ALA A 51 -11.95 -39.58 1.86
C ALA A 51 -12.62 -38.40 2.56
N GLN A 52 -13.69 -38.68 3.33
CA GLN A 52 -14.45 -37.70 4.12
C GLN A 52 -14.38 -38.18 5.56
N VAL A 53 -13.88 -37.34 6.45
CA VAL A 53 -13.75 -37.66 7.87
C VAL A 53 -14.93 -37.02 8.63
N PRO A 54 -15.75 -37.82 9.35
CA PRO A 54 -16.87 -37.23 10.11
C PRO A 54 -16.38 -36.28 11.20
N PHE A 55 -17.19 -35.26 11.51
CA PHE A 55 -16.90 -34.25 12.52
C PHE A 55 -16.42 -34.83 13.84
N GLU A 56 -17.04 -35.95 14.29
CA GLU A 56 -16.67 -36.66 15.54
C GLU A 56 -15.16 -36.92 15.64
N GLN A 57 -14.53 -37.36 14.51
CA GLN A 57 -13.09 -37.62 14.43
C GLN A 57 -12.29 -36.30 14.34
N ILE A 58 -12.79 -35.30 13.60
CA ILE A 58 -12.13 -34.00 13.48
C ILE A 58 -12.06 -33.28 14.84
N LEU A 59 -13.19 -33.27 15.56
CA LEU A 59 -13.34 -32.63 16.88
C LEU A 59 -12.39 -33.21 17.93
N SER A 60 -11.92 -34.44 17.71
CA SER A 60 -10.99 -35.13 18.60
C SER A 60 -9.51 -34.68 18.40
N LEU A 61 -9.21 -33.93 17.31
CA LEU A 61 -7.85 -33.46 17.04
C LEU A 61 -7.34 -32.55 18.15
N PRO A 62 -6.13 -32.81 18.70
CA PRO A 62 -5.58 -31.94 19.76
C PRO A 62 -5.52 -30.45 19.44
N GLU A 63 -5.33 -30.09 18.14
CA GLU A 63 -5.28 -28.69 17.71
C GLU A 63 -6.65 -28.02 17.67
N LEU A 64 -7.75 -28.79 17.82
CA LEU A 64 -9.11 -28.26 17.75
C LEU A 64 -9.97 -28.55 18.99
N LYS A 65 -9.67 -29.64 19.70
CA LYS A 65 -10.45 -30.13 20.85
C LYS A 65 -10.73 -29.08 21.95
N ALA A 66 -9.77 -28.17 22.19
CA ALA A 66 -9.88 -27.13 23.22
C ALA A 66 -10.56 -25.84 22.72
N ASN A 67 -10.80 -25.71 21.38
CA ASN A 67 -11.42 -24.53 20.83
C ASN A 67 -12.92 -24.41 21.19
N PRO A 68 -13.36 -23.31 21.86
CA PRO A 68 -14.80 -23.19 22.18
C PRO A 68 -15.72 -23.12 20.97
N PHE A 69 -15.18 -22.83 19.78
CA PHE A 69 -15.98 -22.74 18.56
C PHE A 69 -15.83 -23.93 17.60
N LYS A 70 -15.24 -25.04 18.07
CA LYS A 70 -14.94 -26.22 17.25
C LYS A 70 -16.13 -26.77 16.44
N GLU A 71 -17.35 -26.77 17.00
CA GLU A 71 -18.53 -27.22 16.27
C GLU A 71 -18.82 -26.31 15.08
N ARG A 72 -18.71 -24.98 15.27
CA ARG A 72 -18.95 -24.01 14.20
C ARG A 72 -17.85 -24.03 13.15
N ILE A 73 -16.58 -24.23 13.58
CA ILE A 73 -15.42 -24.26 12.68
C ILE A 73 -15.62 -25.38 11.66
N CYS A 74 -15.95 -26.59 12.13
CA CYS A 74 -16.25 -27.75 11.27
C CYS A 74 -17.29 -27.45 10.21
N ARG A 75 -18.43 -26.85 10.61
CA ARG A 75 -19.53 -26.54 9.71
C ARG A 75 -19.18 -25.50 8.68
N VAL A 76 -18.45 -24.45 9.07
CA VAL A 76 -18.03 -23.39 8.13
C VAL A 76 -17.09 -23.93 7.03
N PHE A 77 -16.19 -24.86 7.39
CA PHE A 77 -15.20 -25.35 6.44
C PHE A 77 -15.63 -26.60 5.64
N SER A 78 -16.69 -27.29 6.06
CA SER A 78 -17.16 -28.48 5.36
C SER A 78 -17.74 -28.16 3.97
N THR A 79 -17.28 -28.89 2.94
CA THR A 79 -17.87 -28.75 1.60
C THR A 79 -18.49 -30.10 1.21
N SER A 80 -18.70 -30.98 2.20
CA SER A 80 -19.25 -32.32 1.99
C SER A 80 -20.75 -32.31 1.58
N PRO A 81 -21.28 -33.38 0.92
CA PRO A 81 -22.69 -33.35 0.47
C PRO A 81 -23.73 -33.03 1.55
N ALA A 82 -23.59 -33.62 2.75
CA ALA A 82 -24.50 -33.35 3.87
C ALA A 82 -23.90 -32.41 4.92
N LYS A 83 -22.73 -31.79 4.58
CA LYS A 83 -21.99 -30.83 5.40
C LYS A 83 -21.73 -31.37 6.83
N ASP A 84 -21.42 -32.67 6.94
CA ASP A 84 -21.19 -33.37 8.22
C ASP A 84 -19.78 -34.01 8.31
N SER A 85 -18.91 -33.67 7.37
CA SER A 85 -17.57 -34.24 7.34
C SER A 85 -16.57 -33.31 6.63
N LEU A 86 -15.27 -33.56 6.82
CA LEU A 86 -14.23 -32.77 6.16
C LEU A 86 -13.39 -33.68 5.27
N SER A 87 -13.09 -33.20 4.07
CA SER A 87 -12.15 -33.83 3.16
C SER A 87 -10.78 -33.21 3.51
N PHE A 88 -9.72 -33.75 2.91
CA PHE A 88 -8.39 -33.17 3.12
C PHE A 88 -8.36 -31.72 2.61
N GLU A 89 -9.00 -31.46 1.46
CA GLU A 89 -9.09 -30.11 0.88
C GLU A 89 -9.74 -29.13 1.90
N ASP A 90 -10.81 -29.55 2.59
CA ASP A 90 -11.48 -28.69 3.60
C ASP A 90 -10.55 -28.49 4.79
N PHE A 91 -9.82 -29.55 5.18
CA PHE A 91 -8.88 -29.49 6.27
C PHE A 91 -7.75 -28.47 6.00
N LEU A 92 -7.24 -28.42 4.76
CA LEU A 92 -6.23 -27.44 4.37
C LEU A 92 -6.79 -26.02 4.33
N ASP A 93 -8.06 -25.87 3.90
CA ASP A 93 -8.74 -24.55 3.86
C ASP A 93 -8.77 -23.99 5.28
N LEU A 94 -9.14 -24.85 6.23
CA LEU A 94 -9.20 -24.56 7.66
C LEU A 94 -7.81 -24.11 8.13
N LEU A 95 -6.79 -24.90 7.85
CA LEU A 95 -5.43 -24.59 8.30
C LEU A 95 -4.89 -23.29 7.72
N SER A 96 -5.21 -22.95 6.45
CA SER A 96 -4.75 -21.71 5.82
CA SER A 96 -4.74 -21.72 5.81
C SER A 96 -5.31 -20.46 6.52
N VAL A 97 -6.50 -20.57 7.11
CA VAL A 97 -7.15 -19.45 7.81
C VAL A 97 -6.59 -19.31 9.23
N PHE A 98 -6.36 -20.45 9.90
CA PHE A 98 -5.87 -20.48 11.27
C PHE A 98 -4.34 -20.32 11.39
N SER A 99 -3.61 -20.31 10.26
CA SER A 99 -2.16 -20.17 10.30
C SER A 99 -1.70 -18.74 10.57
N ASP A 100 -0.41 -18.57 10.95
CA ASP A 100 0.21 -17.27 11.21
C ASP A 100 0.34 -16.43 9.93
N THR A 101 0.32 -17.07 8.76
CA THR A 101 0.44 -16.39 7.47
C THR A 101 -0.85 -15.65 7.05
N ALA A 102 -2.03 -16.08 7.57
CA ALA A 102 -3.32 -15.48 7.18
C ALA A 102 -3.38 -14.00 7.48
N THR A 103 -3.88 -13.22 6.51
CA THR A 103 -4.01 -11.77 6.62
C THR A 103 -5.08 -11.42 7.66
N PRO A 104 -5.02 -10.24 8.35
CA PRO A 104 -6.10 -9.90 9.30
C PRO A 104 -7.48 -9.88 8.64
N ASP A 105 -7.57 -9.48 7.35
CA ASP A 105 -8.84 -9.44 6.61
C ASP A 105 -9.45 -10.85 6.42
N ILE A 106 -8.60 -11.87 6.16
CA ILE A 106 -9.04 -13.27 6.02
C ILE A 106 -9.53 -13.77 7.38
N LYS A 107 -8.75 -13.52 8.43
CA LYS A 107 -9.09 -13.95 9.78
C LYS A 107 -10.41 -13.33 10.28
N SER A 108 -10.66 -12.04 10.01
CA SER A 108 -11.91 -11.42 10.44
C SER A 108 -13.09 -11.85 9.56
N HIS A 109 -12.85 -12.12 8.27
CA HIS A 109 -13.89 -12.61 7.36
C HIS A 109 -14.43 -13.96 7.85
N TYR A 110 -13.54 -14.89 8.16
CA TYR A 110 -13.97 -16.20 8.66
C TYR A 110 -14.49 -16.19 10.10
N ALA A 111 -13.97 -15.31 10.96
CA ALA A 111 -14.50 -15.15 12.33
C ALA A 111 -15.98 -14.75 12.24
N PHE A 112 -16.31 -13.83 11.31
CA PHE A 112 -17.69 -13.41 11.08
C PHE A 112 -18.57 -14.61 10.67
N ARG A 113 -18.08 -15.47 9.75
CA ARG A 113 -18.83 -16.65 9.32
C ARG A 113 -19.03 -17.63 10.48
N ILE A 114 -18.00 -17.83 11.31
CA ILE A 114 -18.07 -18.73 12.48
C ILE A 114 -19.08 -18.20 13.52
N PHE A 115 -19.06 -16.87 13.78
CA PHE A 115 -19.96 -16.25 14.75
C PHE A 115 -21.40 -16.06 14.25
N ASP A 116 -21.65 -16.23 12.95
CA ASP A 116 -22.99 -16.10 12.37
C ASP A 116 -23.69 -17.46 12.48
N PHE A 117 -24.14 -17.80 13.73
CA PHE A 117 -24.75 -19.09 14.08
C PHE A 117 -25.93 -19.54 13.21
N ASP A 118 -26.69 -18.60 12.61
CA ASP A 118 -27.83 -18.96 11.75
C ASP A 118 -27.52 -18.82 10.24
N ASP A 119 -26.27 -18.40 9.89
CA ASP A 119 -25.73 -18.25 8.52
C ASP A 119 -26.57 -17.32 7.61
N ASP A 120 -26.98 -16.17 8.11
CA ASP A 120 -27.82 -15.24 7.33
C ASP A 120 -27.12 -13.93 6.92
N GLY A 121 -25.84 -13.77 7.23
CA GLY A 121 -25.05 -12.60 6.86
C GLY A 121 -24.93 -11.45 7.82
N THR A 122 -25.59 -11.52 9.01
CA THR A 122 -25.50 -10.47 10.04
C THR A 122 -25.41 -11.10 11.43
N LEU A 123 -24.74 -10.43 12.36
CA LEU A 123 -24.68 -10.89 13.75
C LEU A 123 -25.78 -10.18 14.52
N ASN A 124 -26.79 -10.93 14.98
CA ASN A 124 -27.87 -10.32 15.75
C ASN A 124 -27.71 -10.60 17.24
N ARG A 125 -28.67 -10.19 18.09
CA ARG A 125 -28.57 -10.40 19.53
C ARG A 125 -28.46 -11.88 19.92
N GLU A 126 -29.20 -12.78 19.23
CA GLU A 126 -29.12 -14.23 19.53
C GLU A 126 -27.75 -14.77 19.16
N ASP A 127 -27.17 -14.31 18.04
CA ASP A 127 -25.82 -14.75 17.67
C ASP A 127 -24.85 -14.35 18.78
N LEU A 128 -24.94 -13.08 19.26
CA LEU A 128 -24.04 -12.59 20.30
C LEU A 128 -24.22 -13.34 21.61
N SER A 129 -25.47 -13.69 21.98
CA SER A 129 -25.71 -14.48 23.20
C SER A 129 -25.10 -15.89 23.07
N ARG A 130 -25.22 -16.52 21.89
CA ARG A 130 -24.62 -17.84 21.61
C ARG A 130 -23.10 -17.73 21.67
N LEU A 131 -22.56 -16.63 21.16
CA LEU A 131 -21.12 -16.39 21.18
C LEU A 131 -20.62 -16.31 22.65
N VAL A 132 -21.29 -15.52 23.51
CA VAL A 132 -20.95 -15.36 24.92
C VAL A 132 -21.02 -16.71 25.65
N ASN A 133 -22.08 -17.50 25.40
CA ASN A 133 -22.25 -18.82 26.01
C ASN A 133 -21.16 -19.82 25.61
N CYS A 134 -20.63 -19.72 24.37
CA CYS A 134 -19.48 -20.53 23.89
C CYS A 134 -18.26 -20.18 24.73
N LEU A 135 -18.01 -18.87 24.92
CA LEU A 135 -16.87 -18.35 25.65
C LEU A 135 -16.87 -18.70 27.14
N THR A 136 -18.01 -18.50 27.82
CA THR A 136 -18.10 -18.76 29.27
C THR A 136 -18.31 -20.26 29.58
N GLY A 137 -18.88 -20.98 28.62
CA GLY A 137 -19.21 -22.39 28.79
C GLY A 137 -20.56 -22.60 29.43
N THR A 142 -18.14 -19.75 33.94
CA THR A 142 -19.34 -19.46 34.72
C THR A 142 -20.32 -18.62 33.87
N ARG A 143 -21.51 -19.18 33.61
CA ARG A 143 -22.56 -18.60 32.78
C ARG A 143 -23.05 -17.24 33.31
N LEU A 144 -23.27 -16.27 32.40
CA LEU A 144 -23.72 -14.94 32.80
C LEU A 144 -25.20 -14.95 33.15
N SER A 145 -25.62 -14.09 34.09
CA SER A 145 -27.03 -13.94 34.45
C SER A 145 -27.74 -13.25 33.24
N ALA A 146 -29.07 -13.29 33.19
CA ALA A 146 -29.83 -12.67 32.10
C ALA A 146 -29.51 -11.16 32.03
N SER A 147 -29.39 -10.50 33.20
CA SER A 147 -29.06 -9.07 33.27
C SER A 147 -27.62 -8.76 32.78
N GLU A 148 -26.62 -9.58 33.17
CA GLU A 148 -25.22 -9.42 32.73
C GLU A 148 -25.09 -9.62 31.22
N MET A 149 -25.80 -10.63 30.66
CA MET A 149 -25.80 -10.91 29.22
C MET A 149 -26.37 -9.71 28.47
N LYS A 150 -27.51 -9.18 28.93
CA LYS A 150 -28.18 -8.02 28.33
C LYS A 150 -27.24 -6.79 28.23
N GLN A 151 -26.55 -6.46 29.33
CA GLN A 151 -25.61 -5.33 29.40
C GLN A 151 -24.40 -5.54 28.49
N LEU A 152 -23.86 -6.78 28.47
CA LEU A 152 -22.71 -7.09 27.61
C LEU A 152 -23.09 -6.97 26.11
N ILE A 153 -24.26 -7.52 25.71
CA ILE A 153 -24.73 -7.44 24.32
C ILE A 153 -24.94 -5.96 23.95
N ASP A 154 -25.53 -5.16 24.86
CA ASP A 154 -25.73 -3.72 24.65
C ASP A 154 -24.39 -2.98 24.41
N ASN A 155 -23.34 -3.31 25.19
CA ASN A 155 -21.98 -2.74 25.04
C ASN A 155 -21.34 -3.14 23.71
N ILE A 156 -21.51 -4.42 23.28
CA ILE A 156 -20.95 -4.91 22.02
C ILE A 156 -21.63 -4.17 20.87
N LEU A 157 -22.96 -4.05 20.92
CA LEU A 157 -23.72 -3.37 19.87
C LEU A 157 -23.46 -1.87 19.80
N GLU A 158 -23.23 -1.23 20.94
CA GLU A 158 -22.95 0.21 21.00
C GLU A 158 -21.65 0.53 20.25
N GLU A 159 -20.61 -0.30 20.42
CA GLU A 159 -19.32 -0.10 19.78
C GLU A 159 -19.26 -0.66 18.33
N SER A 160 -20.09 -1.65 17.98
CA SER A 160 -20.00 -2.32 16.66
C SER A 160 -21.08 -1.93 15.63
N ASP A 161 -22.33 -1.70 16.07
CA ASP A 161 -23.46 -1.38 15.17
C ASP A 161 -23.59 0.13 14.88
N ILE A 162 -22.79 0.60 13.92
CA ILE A 162 -22.69 2.04 13.53
C ILE A 162 -24.01 2.57 12.98
N ASP A 163 -24.66 1.84 12.09
CA ASP A 163 -25.95 2.19 11.43
C ASP A 163 -27.16 2.06 12.36
N ARG A 164 -26.92 1.59 13.58
CA ARG A 164 -27.94 1.40 14.63
C ARG A 164 -29.15 0.63 14.11
N ASP A 165 -28.96 -0.43 13.30
CA ASP A 165 -30.08 -1.27 12.80
C ASP A 165 -30.27 -2.49 13.72
N GLY A 166 -29.47 -2.61 14.77
CA GLY A 166 -29.59 -3.74 15.70
C GLY A 166 -28.79 -4.98 15.33
N THR A 167 -28.13 -4.96 14.18
CA THR A 167 -27.31 -6.09 13.71
C THR A 167 -25.93 -5.64 13.26
N ILE A 168 -24.97 -6.57 13.28
CA ILE A 168 -23.60 -6.28 12.87
C ILE A 168 -23.40 -6.92 11.51
N ASN A 169 -23.17 -6.12 10.47
CA ASN A 169 -22.88 -6.67 9.16
C ASN A 169 -21.34 -6.89 9.01
N LEU A 170 -20.88 -7.47 7.90
CA LEU A 170 -19.45 -7.77 7.71
C LEU A 170 -18.54 -6.55 7.78
N SER A 171 -18.89 -5.43 7.14
CA SER A 171 -18.01 -4.26 7.15
C SER A 171 -17.90 -3.66 8.56
N GLU A 172 -19.03 -3.63 9.32
CA GLU A 172 -19.06 -3.12 10.70
C GLU A 172 -18.14 -3.99 11.57
N PHE A 173 -18.21 -5.32 11.36
CA PHE A 173 -17.41 -6.30 12.10
C PHE A 173 -15.91 -6.16 11.76
N GLN A 174 -15.56 -6.08 10.48
CA GLN A 174 -14.15 -5.94 10.11
C GLN A 174 -13.55 -4.66 10.65
N HIS A 175 -14.38 -3.59 10.71
CA HIS A 175 -13.93 -2.30 11.24
C HIS A 175 -13.66 -2.36 12.73
N VAL A 176 -14.60 -2.88 13.54
CA VAL A 176 -14.44 -2.99 14.99
C VAL A 176 -13.23 -3.92 15.33
N ILE A 177 -13.03 -5.03 14.58
CA ILE A 177 -11.88 -5.93 14.78
C ILE A 177 -10.56 -5.22 14.48
N SER A 178 -10.53 -4.36 13.46
CA SER A 178 -9.32 -3.63 13.09
C SER A 178 -8.89 -2.59 14.16
N ARG A 179 -9.80 -2.29 15.12
CA ARG A 179 -9.58 -1.36 16.24
C ARG A 179 -9.22 -2.11 17.55
N SER A 180 -8.83 -3.40 17.48
CA SER A 180 -8.52 -4.29 18.66
C SER A 180 -7.34 -3.93 19.57
N PRO A 181 -7.63 -3.76 20.86
CA PRO A 181 -6.71 -3.12 21.83
C PRO A 181 -5.24 -3.54 21.72
N LEU B 19 30.90 17.33 -8.09
CA LEU B 19 30.01 16.53 -8.92
C LEU B 19 29.39 17.32 -10.09
N THR B 20 29.40 18.65 -9.99
CA THR B 20 28.87 19.53 -11.03
C THR B 20 29.95 20.27 -11.80
N PHE B 21 29.72 20.52 -13.08
CA PHE B 21 30.69 21.19 -13.95
C PHE B 21 30.10 22.38 -14.69
N LEU B 22 30.95 23.40 -14.94
CA LEU B 22 30.62 24.61 -15.70
C LEU B 22 31.81 24.98 -16.57
N THR B 23 31.58 25.50 -17.79
CA THR B 23 32.67 25.98 -18.64
C THR B 23 32.76 27.47 -18.37
N LYS B 24 33.90 28.11 -18.69
CA LYS B 24 34.06 29.55 -18.48
C LYS B 24 33.04 30.33 -19.31
N GLN B 25 32.78 29.88 -20.56
CA GLN B 25 31.82 30.52 -21.45
C GLN B 25 30.42 30.52 -20.85
N GLU B 26 29.98 29.39 -20.29
CA GLU B 26 28.69 29.25 -19.65
C GLU B 26 28.52 30.22 -18.48
N ILE B 27 29.56 30.37 -17.61
CA ILE B 27 29.54 31.29 -16.45
C ILE B 27 29.42 32.74 -16.90
N LEU B 28 30.26 33.13 -17.88
CA LEU B 28 30.26 34.50 -18.38
C LEU B 28 28.95 34.87 -19.08
N LEU B 29 28.41 33.96 -19.91
CA LEU B 29 27.15 34.20 -20.58
C LEU B 29 25.99 34.19 -19.59
N ALA B 30 26.05 33.31 -18.56
CA ALA B 30 25.00 33.25 -17.53
C ALA B 30 24.91 34.56 -16.74
N HIS B 31 26.06 35.19 -16.43
CA HIS B 31 26.09 36.43 -15.67
C HIS B 31 25.41 37.56 -16.41
N ARG B 32 25.60 37.66 -17.72
CA ARG B 32 24.92 38.71 -18.52
C ARG B 32 23.41 38.46 -18.58
N ARG B 33 22.97 37.18 -18.76
CA ARG B 33 21.54 36.87 -18.77
C ARG B 33 20.90 37.17 -17.42
N PHE B 34 21.60 36.86 -16.32
CA PHE B 34 21.10 37.09 -14.95
C PHE B 34 21.01 38.59 -14.65
N CYS B 35 22.05 39.36 -15.03
CA CYS B 35 22.07 40.82 -14.79
C CYS B 35 20.96 41.57 -15.52
N GLU B 36 20.47 41.04 -16.65
CA GLU B 36 19.37 41.65 -17.41
C GLU B 36 18.04 41.59 -16.65
N LEU B 37 17.95 40.71 -15.64
CA LEU B 37 16.76 40.53 -14.81
C LEU B 37 16.77 41.43 -13.58
N LEU B 38 17.89 42.08 -13.33
CA LEU B 38 18.07 42.91 -12.15
C LEU B 38 17.72 44.36 -12.37
N PRO B 39 17.25 45.08 -11.31
CA PRO B 39 17.09 46.55 -11.43
C PRO B 39 18.47 47.11 -11.76
N GLN B 40 18.52 48.16 -12.58
CA GLN B 40 19.75 48.79 -13.06
C GLN B 40 20.80 49.03 -11.97
N GLU B 41 20.38 49.46 -10.76
CA GLU B 41 21.30 49.77 -9.66
C GLU B 41 22.02 48.56 -9.05
N GLN B 42 21.57 47.33 -9.36
CA GLN B 42 22.16 46.12 -8.80
C GLN B 42 23.00 45.33 -9.83
N ARG B 43 23.30 45.95 -10.99
CA ARG B 43 23.98 45.26 -12.08
C ARG B 43 25.52 45.21 -12.01
N SER B 44 26.17 45.86 -11.02
CA SER B 44 27.64 45.76 -10.90
C SER B 44 27.98 44.32 -10.46
N VAL B 45 29.24 43.87 -10.68
CA VAL B 45 29.63 42.49 -10.30
C VAL B 45 29.35 42.23 -8.83
N GLU B 46 29.84 43.12 -7.96
CA GLU B 46 29.68 43.03 -6.52
C GLU B 46 28.19 42.95 -6.09
N SER B 47 27.34 43.87 -6.58
CA SER B 47 25.90 43.88 -6.27
C SER B 47 25.12 42.71 -6.84
N SER B 48 25.43 42.31 -8.10
CA SER B 48 24.72 41.20 -8.75
C SER B 48 24.92 39.88 -8.02
N LEU B 49 26.08 39.69 -7.39
CA LEU B 49 26.35 38.42 -6.67
C LEU B 49 25.67 38.34 -5.28
N ARG B 50 25.06 39.45 -4.81
CA ARG B 50 24.30 39.50 -3.53
C ARG B 50 22.80 39.55 -3.82
N ALA B 51 22.43 39.81 -5.07
CA ALA B 51 21.03 39.99 -5.49
C ALA B 51 20.21 38.71 -5.58
N GLN B 52 18.89 38.84 -5.37
CA GLN B 52 17.91 37.76 -5.44
C GLN B 52 16.88 38.17 -6.49
N VAL B 53 16.67 37.33 -7.50
CA VAL B 53 15.71 37.58 -8.57
C VAL B 53 14.41 36.80 -8.28
N PRO B 54 13.24 37.46 -8.15
CA PRO B 54 11.99 36.72 -7.91
C PRO B 54 11.65 35.78 -9.06
N PHE B 55 10.95 34.67 -8.74
CA PHE B 55 10.57 33.66 -9.71
C PHE B 55 9.88 34.23 -10.95
N GLU B 56 9.00 35.25 -10.78
CA GLU B 56 8.30 35.93 -11.88
C GLU B 56 9.26 36.35 -13.02
N GLN B 57 10.43 36.90 -12.65
CA GLN B 57 11.46 37.31 -13.60
C GLN B 57 12.23 36.11 -14.18
N ILE B 58 12.52 35.09 -13.34
CA ILE B 58 13.23 33.88 -13.80
C ILE B 58 12.39 33.12 -14.84
N LEU B 59 11.07 32.97 -14.56
CA LEU B 59 10.11 32.25 -15.41
C LEU B 59 9.99 32.88 -16.79
N SER B 60 10.33 34.17 -16.91
CA SER B 60 10.27 34.92 -18.17
C SER B 60 11.46 34.64 -19.11
N LEU B 61 12.54 33.99 -18.60
CA LEU B 61 13.73 33.69 -19.39
C LEU B 61 13.41 32.79 -20.58
N PRO B 62 13.84 33.16 -21.82
CA PRO B 62 13.55 32.33 -23.00
C PRO B 62 13.98 30.87 -22.89
N GLU B 63 15.08 30.58 -22.15
CA GLU B 63 15.58 29.21 -21.96
C GLU B 63 14.73 28.39 -20.98
N LEU B 64 13.78 29.03 -20.27
CA LEU B 64 12.93 28.35 -19.28
C LEU B 64 11.42 28.51 -19.52
N LYS B 65 11.00 29.59 -20.18
CA LYS B 65 9.58 29.93 -20.42
C LYS B 65 8.74 28.83 -21.05
N ALA B 66 9.34 28.00 -21.94
CA ALA B 66 8.66 26.91 -22.63
C ALA B 66 8.71 25.58 -21.87
N ASN B 67 9.46 25.52 -20.75
CA ASN B 67 9.56 24.28 -19.97
C ASN B 67 8.27 24.02 -19.17
N PRO B 68 7.60 22.86 -19.36
CA PRO B 68 6.37 22.60 -18.58
C PRO B 68 6.60 22.47 -17.08
N PHE B 69 7.85 22.29 -16.64
CA PHE B 69 8.18 22.15 -15.21
C PHE B 69 8.83 23.38 -14.59
N LYS B 70 8.80 24.53 -15.29
CA LYS B 70 9.46 25.76 -14.87
C LYS B 70 9.17 26.20 -13.42
N GLU B 71 7.91 26.03 -12.94
CA GLU B 71 7.57 26.39 -11.56
C GLU B 71 8.34 25.51 -10.56
N ARG B 72 8.42 24.20 -10.84
CA ARG B 72 9.13 23.25 -9.98
C ARG B 72 10.64 23.45 -10.03
N ILE B 73 11.18 23.75 -11.21
CA ILE B 73 12.62 23.97 -11.42
C ILE B 73 13.10 25.10 -10.50
N CYS B 74 12.38 26.24 -10.51
CA CYS B 74 12.66 27.38 -9.65
C CYS B 74 12.74 27.01 -8.17
N ARG B 75 11.71 26.30 -7.66
CA ARG B 75 11.59 25.84 -6.29
C ARG B 75 12.74 24.95 -5.87
N VAL B 76 13.09 23.96 -6.70
CA VAL B 76 14.16 23.00 -6.39
C VAL B 76 15.53 23.68 -6.26
N PHE B 77 15.81 24.69 -7.10
CA PHE B 77 17.12 25.35 -7.12
C PHE B 77 17.26 26.57 -6.19
N SER B 78 16.14 27.12 -5.69
CA SER B 78 16.17 28.26 -4.80
C SER B 78 16.80 27.96 -3.44
N THR B 79 17.77 28.79 -3.01
CA THR B 79 18.35 28.67 -1.67
C THR B 79 18.05 29.96 -0.90
N SER B 80 17.06 30.74 -1.38
CA SER B 80 16.70 32.01 -0.78
C SER B 80 15.94 31.87 0.57
N PRO B 81 15.93 32.91 1.45
CA PRO B 81 15.27 32.76 2.77
C PRO B 81 13.82 32.27 2.75
N ALA B 82 13.00 32.77 1.81
CA ALA B 82 11.60 32.33 1.69
C ALA B 82 11.37 31.41 0.48
N LYS B 83 12.48 30.90 -0.14
CA LYS B 83 12.45 30.00 -1.31
C LYS B 83 11.57 30.53 -2.45
N ASP B 84 11.58 31.85 -2.67
CA ASP B 84 10.77 32.53 -3.69
C ASP B 84 11.61 33.31 -4.72
N SER B 85 12.92 33.12 -4.70
CA SER B 85 13.81 33.84 -5.61
C SER B 85 15.10 33.06 -5.87
N LEU B 86 15.86 33.44 -6.91
CA LEU B 86 17.13 32.79 -7.22
C LEU B 86 18.26 33.81 -7.15
N SER B 87 19.37 33.40 -6.54
CA SER B 87 20.60 34.18 -6.52
C SER B 87 21.39 33.70 -7.76
N PHE B 88 22.47 34.40 -8.10
CA PHE B 88 23.32 33.99 -9.22
C PHE B 88 23.90 32.60 -8.98
N GLU B 89 24.29 32.30 -7.74
CA GLU B 89 24.81 30.99 -7.33
C GLU B 89 23.76 29.89 -7.64
N ASP B 90 22.46 30.12 -7.29
CA ASP B 90 21.36 29.19 -7.58
C ASP B 90 21.19 29.04 -9.09
N PHE B 91 21.28 30.16 -9.82
CA PHE B 91 21.14 30.15 -11.27
C PHE B 91 22.24 29.29 -11.93
N LEU B 92 23.47 29.36 -11.42
CA LEU B 92 24.59 28.55 -11.96
C LEU B 92 24.39 27.08 -11.59
N ASP B 93 23.83 26.82 -10.41
CA ASP B 93 23.54 25.43 -9.97
C ASP B 93 22.55 24.83 -10.99
N LEU B 94 21.52 25.59 -11.32
CA LEU B 94 20.51 25.16 -12.31
C LEU B 94 21.21 24.87 -13.64
N LEU B 95 22.00 25.81 -14.11
CA LEU B 95 22.66 25.64 -15.41
C LEU B 95 23.58 24.44 -15.47
N SER B 96 24.29 24.13 -14.37
CA SER B 96 25.21 22.98 -14.33
CA SER B 96 25.21 22.98 -14.33
C SER B 96 24.46 21.64 -14.47
N VAL B 97 23.19 21.58 -14.03
CA VAL B 97 22.38 20.36 -14.12
C VAL B 97 21.76 20.23 -15.53
N PHE B 98 21.31 21.35 -16.11
CA PHE B 98 20.68 21.38 -17.42
C PHE B 98 21.68 21.40 -18.59
N SER B 99 22.98 21.54 -18.32
CA SER B 99 23.98 21.57 -19.39
C SER B 99 24.29 20.17 -19.96
N ASP B 100 24.96 20.13 -21.13
CA ASP B 100 25.39 18.90 -21.80
C ASP B 100 26.50 18.19 -21.01
N THR B 101 27.17 18.92 -20.09
CA THR B 101 28.26 18.40 -19.26
C THR B 101 27.76 17.53 -18.09
N ALA B 102 26.47 17.66 -17.70
CA ALA B 102 25.90 16.92 -16.57
C ALA B 102 25.81 15.42 -16.83
N THR B 103 26.22 14.64 -15.83
CA THR B 103 26.21 13.17 -15.89
C THR B 103 24.78 12.65 -15.87
N PRO B 104 24.46 11.48 -16.48
CA PRO B 104 23.08 10.96 -16.40
C PRO B 104 22.58 10.81 -14.96
N ASP B 105 23.47 10.47 -14.00
CA ASP B 105 23.12 10.30 -12.59
C ASP B 105 22.68 11.63 -11.96
N ILE B 106 23.35 12.75 -12.31
CA ILE B 106 23.00 14.09 -11.82
C ILE B 106 21.63 14.48 -12.41
N LYS B 107 21.44 14.27 -13.73
CA LYS B 107 20.18 14.60 -14.41
C LYS B 107 19.00 13.83 -13.83
N SER B 108 19.15 12.51 -13.57
CA SER B 108 18.04 11.75 -12.99
C SER B 108 17.81 12.08 -11.52
N HIS B 109 18.87 12.44 -10.78
CA HIS B 109 18.75 12.84 -9.36
C HIS B 109 17.88 14.10 -9.27
N TYR B 110 18.17 15.12 -10.08
CA TYR B 110 17.38 16.35 -10.05
C TYR B 110 16.01 16.21 -10.68
N ALA B 111 15.84 15.35 -11.69
CA ALA B 111 14.52 15.10 -12.28
C ALA B 111 13.58 14.54 -11.19
N PHE B 112 14.13 13.62 -10.35
CA PHE B 112 13.37 13.04 -9.24
C PHE B 112 12.92 14.16 -8.26
N ARG B 113 13.84 15.10 -7.91
CA ARG B 113 13.50 16.21 -7.01
C ARG B 113 12.43 17.12 -7.63
N ILE B 114 12.55 17.41 -8.94
CA ILE B 114 11.55 18.23 -9.65
C ILE B 114 10.17 17.55 -9.67
N PHE B 115 10.14 16.22 -9.96
CA PHE B 115 8.88 15.47 -10.03
C PHE B 115 8.26 15.16 -8.66
N ASP B 116 9.01 15.39 -7.56
CA ASP B 116 8.51 15.12 -6.20
C ASP B 116 7.77 16.36 -5.68
N PHE B 117 6.56 16.61 -6.22
CA PHE B 117 5.73 17.80 -5.97
C PHE B 117 5.48 18.14 -4.49
N ASP B 118 5.52 17.15 -3.58
CA ASP B 118 5.32 17.40 -2.15
C ASP B 118 6.64 17.36 -1.33
N ASP B 119 7.74 17.08 -2.01
CA ASP B 119 9.12 17.08 -1.45
C ASP B 119 9.29 16.08 -0.31
N ASP B 120 8.81 14.85 -0.46
CA ASP B 120 8.87 13.86 0.65
C ASP B 120 9.77 12.65 0.36
N GLY B 121 10.46 12.60 -0.78
CA GLY B 121 11.38 11.48 -1.00
C GLY B 121 10.85 10.35 -1.86
N THR B 122 9.59 10.39 -2.25
CA THR B 122 8.99 9.34 -3.10
C THR B 122 7.98 9.93 -4.07
N LEU B 123 7.83 9.28 -5.23
CA LEU B 123 6.83 9.70 -6.22
C LEU B 123 5.56 8.86 -6.02
N ASN B 124 4.49 9.47 -5.57
CA ASN B 124 3.22 8.76 -5.33
C ASN B 124 2.23 9.02 -6.47
N ARG B 125 1.03 8.46 -6.37
CA ARG B 125 0.01 8.58 -7.44
C ARG B 125 -0.32 10.05 -7.72
N GLU B 126 -0.41 10.90 -6.70
CA GLU B 126 -0.73 12.33 -6.91
C GLU B 126 0.42 13.02 -7.61
N ASP B 127 1.68 12.66 -7.28
CA ASP B 127 2.83 13.26 -7.97
C ASP B 127 2.79 12.91 -9.46
N LEU B 128 2.46 11.67 -9.80
CA LEU B 128 2.40 11.25 -11.21
C LEU B 128 1.28 11.93 -11.95
N SER B 129 0.12 12.10 -11.30
CA SER B 129 -1.01 12.81 -11.91
C SER B 129 -0.64 14.27 -12.18
N ARG B 130 0.08 14.92 -11.24
CA ARG B 130 0.55 16.32 -11.41
C ARG B 130 1.57 16.37 -12.53
N LEU B 131 2.40 15.35 -12.66
CA LEU B 131 3.43 15.27 -13.72
C LEU B 131 2.74 15.18 -15.09
N VAL B 132 1.73 14.31 -15.23
CA VAL B 132 0.97 14.14 -16.48
C VAL B 132 0.27 15.45 -16.85
N ASN B 133 -0.38 16.12 -15.88
CA ASN B 133 -1.07 17.40 -16.11
C ASN B 133 -0.13 18.52 -16.55
N CYS B 134 1.14 18.52 -16.08
CA CYS B 134 2.19 19.45 -16.52
C CYS B 134 2.47 19.21 -18.01
N LEU B 135 2.63 17.93 -18.38
CA LEU B 135 2.94 17.52 -19.76
C LEU B 135 1.83 17.83 -20.76
N THR B 136 0.57 17.49 -20.43
CA THR B 136 -0.56 17.70 -21.35
C THR B 136 -1.06 19.14 -21.32
N GLY B 137 -0.85 19.83 -20.21
CA GLY B 137 -1.33 21.19 -20.01
C GLY B 137 -2.76 21.23 -19.47
N THR B 142 -4.09 18.62 -24.47
CA THR B 142 -5.41 18.08 -24.19
C THR B 142 -5.38 17.17 -22.95
N ARG B 143 -6.07 17.58 -21.88
CA ARG B 143 -6.12 16.91 -20.59
C ARG B 143 -6.69 15.49 -20.70
N LEU B 144 -6.08 14.53 -19.97
CA LEU B 144 -6.54 13.14 -20.00
C LEU B 144 -7.79 12.98 -19.16
N SER B 145 -8.67 12.05 -19.56
CA SER B 145 -9.88 11.73 -18.82
C SER B 145 -9.43 11.00 -17.53
N ALA B 146 -10.33 10.89 -16.53
CA ALA B 146 -10.02 10.19 -15.27
C ALA B 146 -9.60 8.74 -15.57
N SER B 147 -10.29 8.06 -16.52
CA SER B 147 -9.95 6.68 -16.90
C SER B 147 -8.57 6.55 -17.58
N GLU B 148 -8.24 7.47 -18.51
CA GLU B 148 -6.94 7.49 -19.21
C GLU B 148 -5.79 7.74 -18.23
N MET B 149 -5.98 8.68 -17.29
CA MET B 149 -5.00 9.01 -16.25
C MET B 149 -4.74 7.78 -15.38
N LYS B 150 -5.82 7.11 -14.94
CA LYS B 150 -5.73 5.90 -14.10
C LYS B 150 -4.88 4.80 -14.74
N GLN B 151 -5.14 4.51 -16.03
CA GLN B 151 -4.42 3.47 -16.80
C GLN B 151 -2.96 3.85 -17.01
N LEU B 152 -2.69 5.13 -17.32
CA LEU B 152 -1.33 5.61 -17.51
C LEU B 152 -0.52 5.51 -16.20
N ILE B 153 -1.11 5.95 -15.06
CA ILE B 153 -0.42 5.87 -13.76
C ILE B 153 -0.13 4.40 -13.42
N ASP B 154 -1.11 3.50 -13.68
CA ASP B 154 -0.95 2.05 -13.47
C ASP B 154 0.25 1.49 -14.28
N ASN B 155 0.39 1.91 -15.56
CA ASN B 155 1.49 1.50 -16.46
C ASN B 155 2.84 2.02 -15.96
N ILE B 156 2.89 3.28 -15.48
CA ILE B 156 4.12 3.87 -14.95
C ILE B 156 4.56 3.09 -13.70
N LEU B 157 3.63 2.83 -12.77
CA LEU B 157 3.92 2.08 -11.54
C LEU B 157 4.31 0.63 -11.79
N GLU B 158 3.72 0.00 -12.81
CA GLU B 158 4.02 -1.40 -13.14
C GLU B 158 5.48 -1.56 -13.58
N GLU B 159 6.00 -0.61 -14.37
CA GLU B 159 7.37 -0.64 -14.87
C GLU B 159 8.39 -0.02 -13.91
N SER B 160 7.96 0.89 -13.02
CA SER B 160 8.86 1.62 -12.10
C SER B 160 8.89 1.11 -10.65
N ASP B 161 7.71 0.82 -10.06
CA ASP B 161 7.61 0.40 -8.65
C ASP B 161 7.87 -1.11 -8.50
N ILE B 162 9.14 -1.43 -8.29
CA ILE B 162 9.62 -2.84 -8.21
C ILE B 162 9.18 -3.50 -6.90
N ASP B 163 9.21 -2.78 -5.77
CA ASP B 163 8.79 -3.39 -4.48
C ASP B 163 7.28 -3.34 -4.26
N ARG B 164 6.51 -2.80 -5.19
CA ARG B 164 5.02 -2.73 -5.15
C ARG B 164 4.46 -2.04 -3.90
N ASP B 165 5.20 -1.12 -3.27
CA ASP B 165 4.73 -0.37 -2.10
C ASP B 165 3.82 0.83 -2.46
N GLY B 166 3.56 1.02 -3.76
CA GLY B 166 2.72 2.10 -4.27
C GLY B 166 3.44 3.40 -4.62
N THR B 167 4.75 3.50 -4.30
CA THR B 167 5.50 4.73 -4.58
C THR B 167 6.81 4.44 -5.28
N ILE B 168 7.35 5.44 -5.96
CA ILE B 168 8.62 5.33 -6.69
C ILE B 168 9.69 6.00 -5.85
N ASN B 169 10.67 5.24 -5.36
CA ASN B 169 11.78 5.81 -4.59
C ASN B 169 12.91 6.24 -5.56
N LEU B 170 13.99 6.87 -5.05
CA LEU B 170 15.08 7.37 -5.88
C LEU B 170 15.78 6.29 -6.71
N SER B 171 16.14 5.15 -6.11
CA SER B 171 16.82 4.09 -6.86
C SER B 171 15.90 3.46 -7.93
N GLU B 172 14.60 3.26 -7.62
CA GLU B 172 13.64 2.72 -8.59
C GLU B 172 13.54 3.67 -9.79
N PHE B 173 13.57 4.96 -9.51
CA PHE B 173 13.51 5.99 -10.54
C PHE B 173 14.79 6.01 -11.39
N GLN B 174 15.94 6.02 -10.72
CA GLN B 174 17.24 6.07 -11.40
C GLN B 174 17.43 4.84 -12.29
N HIS B 175 16.91 3.67 -11.86
CA HIS B 175 16.99 2.43 -12.62
C HIS B 175 16.10 2.47 -13.88
N VAL B 176 14.82 2.86 -13.75
CA VAL B 176 13.89 2.94 -14.89
C VAL B 176 14.40 3.99 -15.92
N ILE B 177 14.98 5.13 -15.46
CA ILE B 177 15.54 6.16 -16.36
C ILE B 177 16.74 5.61 -17.13
N SER B 178 17.59 4.78 -16.48
CA SER B 178 18.76 4.20 -17.14
C SER B 178 18.38 3.18 -18.25
N ARG B 179 17.11 2.76 -18.30
CA ARG B 179 16.55 1.84 -19.29
C ARG B 179 15.82 2.58 -20.45
N SER B 180 15.98 3.92 -20.56
CA SER B 180 15.36 4.81 -21.58
C SER B 180 15.59 4.50 -23.09
N PRO B 181 14.51 4.30 -23.84
CA PRO B 181 14.58 3.76 -25.22
C PRO B 181 15.63 4.42 -26.12
N LEU C 19 -34.93 0.73 -3.13
CA LEU C 19 -36.22 1.31 -3.47
C LEU C 19 -36.21 2.83 -3.41
N THR C 20 -36.70 3.49 -4.44
CA THR C 20 -36.77 4.94 -4.42
C THR C 20 -38.21 5.42 -4.37
N PHE C 21 -38.38 6.62 -3.87
CA PHE C 21 -39.71 7.20 -3.61
C PHE C 21 -39.87 8.57 -4.23
N LEU C 22 -41.10 8.87 -4.68
CA LEU C 22 -41.50 10.15 -5.23
C LEU C 22 -42.87 10.51 -4.67
N THR C 23 -43.11 11.78 -4.35
CA THR C 23 -44.41 12.24 -3.92
C THR C 23 -45.10 12.73 -5.20
N LYS C 24 -46.44 12.81 -5.19
CA LYS C 24 -47.18 13.29 -6.36
C LYS C 24 -46.80 14.73 -6.67
N GLN C 25 -46.63 15.56 -5.62
CA GLN C 25 -46.26 16.97 -5.77
C GLN C 25 -44.92 17.10 -6.50
N GLU C 26 -43.94 16.28 -6.11
CA GLU C 26 -42.62 16.25 -6.71
C GLU C 26 -42.66 15.93 -8.19
N ILE C 27 -43.47 14.93 -8.59
CA ILE C 27 -43.59 14.52 -9.99
C ILE C 27 -44.21 15.64 -10.82
N LEU C 28 -45.31 16.22 -10.33
CA LEU C 28 -46.04 17.27 -11.04
C LEU C 28 -45.23 18.55 -11.19
N LEU C 29 -44.53 18.96 -10.11
CA LEU C 29 -43.69 20.15 -10.18
C LEU C 29 -42.45 19.89 -11.05
N ALA C 30 -41.90 18.65 -11.01
CA ALA C 30 -40.72 18.31 -11.83
C ALA C 30 -41.04 18.39 -13.32
N HIS C 31 -42.26 17.95 -13.72
CA HIS C 31 -42.66 17.97 -15.12
C HIS C 31 -42.72 19.38 -15.65
N ARG C 32 -43.25 20.33 -14.86
CA ARG C 32 -43.34 21.75 -15.19
C ARG C 32 -41.93 22.35 -15.39
N ARG C 33 -40.97 22.04 -14.48
CA ARG C 33 -39.57 22.52 -14.57
C ARG C 33 -38.83 21.93 -15.77
N PHE C 34 -39.04 20.62 -16.04
CA PHE C 34 -38.41 19.93 -17.19
C PHE C 34 -38.94 20.47 -18.53
N CYS C 35 -40.26 20.69 -18.65
CA CYS C 35 -40.88 21.20 -19.87
C CYS C 35 -40.41 22.62 -20.25
N GLU C 36 -39.97 23.42 -19.27
CA GLU C 36 -39.46 24.77 -19.50
C GLU C 36 -38.11 24.74 -20.23
N LEU C 37 -37.43 23.58 -20.23
CA LEU C 37 -36.13 23.39 -20.88
C LEU C 37 -36.28 22.90 -22.31
N LEU C 38 -37.50 22.57 -22.71
CA LEU C 38 -37.79 22.02 -24.03
C LEU C 38 -38.21 23.05 -25.05
N PRO C 39 -37.93 22.82 -26.38
CA PRO C 39 -38.49 23.71 -27.41
C PRO C 39 -40.01 23.61 -27.30
N GLN C 40 -40.72 24.72 -27.54
CA GLN C 40 -42.17 24.85 -27.43
C GLN C 40 -42.96 23.67 -28.04
N GLU C 41 -42.55 23.16 -29.22
CA GLU C 41 -43.22 22.06 -29.93
C GLU C 41 -43.14 20.70 -29.23
N GLN C 42 -42.25 20.53 -28.24
CA GLN C 42 -42.07 19.26 -27.54
C GLN C 42 -42.64 19.28 -26.12
N ARG C 43 -43.43 20.30 -25.77
CA ARG C 43 -43.94 20.51 -24.42
C ARG C 43 -45.22 19.76 -24.06
N SER C 44 -45.87 19.08 -25.04
CA SER C 44 -47.06 18.28 -24.73
C SER C 44 -46.62 17.08 -23.87
N VAL C 45 -47.54 16.47 -23.11
CA VAL C 45 -47.20 15.32 -22.24
C VAL C 45 -46.49 14.20 -23.04
N GLU C 46 -47.11 13.71 -24.14
CA GLU C 46 -46.51 12.63 -24.94
C GLU C 46 -45.14 12.98 -25.50
N SER C 47 -44.99 14.20 -26.07
CA SER C 47 -43.71 14.65 -26.62
C SER C 47 -42.63 14.84 -25.56
N SER C 48 -42.97 15.42 -24.39
CA SER C 48 -42.01 15.67 -23.31
C SER C 48 -41.44 14.39 -22.73
N LEU C 49 -42.22 13.30 -22.71
CA LEU C 49 -41.76 12.02 -22.15
C LEU C 49 -40.81 11.25 -23.08
N ARG C 50 -40.66 11.70 -24.35
CA ARG C 50 -39.75 11.09 -25.34
C ARG C 50 -38.52 11.99 -25.55
N ALA C 51 -38.60 13.24 -25.09
CA ALA C 51 -37.55 14.24 -25.26
C ALA C 51 -36.29 14.02 -24.40
N GLN C 52 -35.13 14.46 -24.93
CA GLN C 52 -33.83 14.39 -24.27
C GLN C 52 -33.32 15.82 -24.17
N VAL C 53 -33.00 16.26 -22.96
CA VAL C 53 -32.50 17.62 -22.71
C VAL C 53 -30.98 17.57 -22.57
N PRO C 54 -30.21 18.30 -23.41
CA PRO C 54 -28.74 18.28 -23.27
C PRO C 54 -28.28 18.82 -21.93
N PHE C 55 -27.14 18.33 -21.43
CA PHE C 55 -26.56 18.71 -20.14
C PHE C 55 -26.47 20.23 -19.97
N GLU C 56 -26.11 20.97 -21.03
CA GLU C 56 -26.02 22.44 -21.03
C GLU C 56 -27.28 23.11 -20.43
N GLN C 57 -28.47 22.61 -20.81
CA GLN C 57 -29.76 23.10 -20.32
C GLN C 57 -30.02 22.62 -18.87
N ILE C 58 -29.67 21.37 -18.55
CA ILE C 58 -29.85 20.81 -17.20
C ILE C 58 -28.99 21.57 -16.17
N LEU C 59 -27.72 21.82 -16.52
CA LEU C 59 -26.74 22.50 -15.67
C LEU C 59 -27.15 23.93 -15.33
N SER C 60 -28.05 24.52 -16.14
CA SER C 60 -28.57 25.88 -15.95
C SER C 60 -29.69 25.93 -14.89
N LEU C 61 -30.25 24.77 -14.48
CA LEU C 61 -31.34 24.73 -13.49
C LEU C 61 -30.89 25.31 -12.15
N PRO C 62 -31.67 26.26 -11.57
CA PRO C 62 -31.28 26.85 -10.27
C PRO C 62 -31.02 25.86 -9.14
N GLU C 63 -31.72 24.70 -9.15
CA GLU C 63 -31.55 23.66 -8.14
C GLU C 63 -30.25 22.85 -8.32
N LEU C 64 -29.53 23.04 -9.43
CA LEU C 64 -28.30 22.30 -9.72
C LEU C 64 -27.07 23.18 -10.01
N LYS C 65 -27.29 24.40 -10.54
CA LYS C 65 -26.25 25.34 -10.96
C LYS C 65 -25.15 25.60 -9.91
N ALA C 66 -25.50 25.62 -8.60
CA ALA C 66 -24.55 25.89 -7.52
C ALA C 66 -23.85 24.64 -6.97
N ASN C 67 -24.27 23.43 -7.41
CA ASN C 67 -23.68 22.19 -6.94
C ASN C 67 -22.25 21.97 -7.51
N PRO C 68 -21.20 21.80 -6.65
CA PRO C 68 -19.84 21.57 -7.19
C PRO C 68 -19.69 20.26 -7.98
N PHE C 69 -20.66 19.34 -7.84
CA PHE C 69 -20.61 18.04 -8.55
C PHE C 69 -21.58 17.94 -9.71
N LYS C 70 -22.18 19.06 -10.16
CA LYS C 70 -23.20 19.08 -11.21
C LYS C 70 -22.83 18.34 -12.50
N GLU C 71 -21.57 18.40 -12.94
CA GLU C 71 -21.13 17.68 -14.14
C GLU C 71 -21.19 16.17 -13.92
N ARG C 72 -20.76 15.69 -12.74
CA ARG C 72 -20.81 14.25 -12.41
C ARG C 72 -22.23 13.77 -12.19
N ILE C 73 -23.09 14.60 -11.58
CA ILE C 73 -24.50 14.27 -11.30
C ILE C 73 -25.20 13.94 -12.63
N CYS C 74 -25.06 14.82 -13.64
CA CYS C 74 -25.64 14.64 -14.98
C CYS C 74 -25.24 13.31 -15.60
N ARG C 75 -23.93 12.98 -15.56
CA ARG C 75 -23.40 11.76 -16.15
C ARG C 75 -23.89 10.50 -15.45
N VAL C 76 -23.95 10.51 -14.12
CA VAL C 76 -24.43 9.35 -13.35
C VAL C 76 -25.91 9.03 -13.65
N PHE C 77 -26.75 10.07 -13.83
CA PHE C 77 -28.18 9.87 -14.03
C PHE C 77 -28.63 9.72 -15.50
N SER C 78 -27.76 10.07 -16.46
CA SER C 78 -28.10 9.94 -17.88
C SER C 78 -28.22 8.49 -18.34
N THR C 79 -29.33 8.15 -19.02
CA THR C 79 -29.48 6.82 -19.61
C THR C 79 -29.62 7.00 -21.14
N SER C 80 -29.21 8.18 -21.65
CA SER C 80 -29.30 8.50 -23.07
C SER C 80 -28.28 7.73 -23.95
N PRO C 81 -28.53 7.54 -25.28
CA PRO C 81 -27.60 6.75 -26.11
C PRO C 81 -26.12 7.14 -26.03
N ALA C 82 -25.82 8.44 -26.04
CA ALA C 82 -24.43 8.94 -25.95
C ALA C 82 -24.10 9.51 -24.56
N LYS C 83 -24.98 9.28 -23.55
CA LYS C 83 -24.82 9.74 -22.17
C LYS C 83 -24.52 11.25 -22.05
N ASP C 84 -25.13 12.06 -22.93
CA ASP C 84 -24.93 13.51 -23.00
C ASP C 84 -26.21 14.32 -22.75
N SER C 85 -27.30 13.65 -22.33
CA SER C 85 -28.59 14.32 -22.10
C SER C 85 -29.44 13.58 -21.07
N LEU C 86 -30.48 14.25 -20.55
CA LEU C 86 -31.40 13.65 -19.58
C LEU C 86 -32.80 13.62 -20.14
N SER C 87 -33.44 12.48 -19.98
CA SER C 87 -34.87 12.36 -20.28
C SER C 87 -35.65 12.75 -19.01
N PHE C 88 -36.97 12.75 -19.09
CA PHE C 88 -37.78 13.07 -17.89
C PHE C 88 -37.59 11.97 -16.85
N GLU C 89 -37.54 10.74 -17.31
CA GLU C 89 -37.34 9.58 -16.42
C GLU C 89 -36.02 9.76 -15.64
N ASP C 90 -34.92 10.07 -16.33
CA ASP C 90 -33.60 10.30 -15.71
C ASP C 90 -33.69 11.47 -14.70
N PHE C 91 -34.43 12.54 -15.06
CA PHE C 91 -34.62 13.69 -14.20
C PHE C 91 -35.37 13.30 -12.90
N LEU C 92 -36.33 12.40 -13.03
CA LEU C 92 -37.08 11.89 -11.86
C LEU C 92 -36.17 10.99 -11.02
N ASP C 93 -35.33 10.18 -11.65
CA ASP C 93 -34.38 9.33 -10.89
C ASP C 93 -33.51 10.25 -10.02
N LEU C 94 -32.97 11.30 -10.62
CA LEU C 94 -32.16 12.34 -9.92
C LEU C 94 -32.93 12.88 -8.73
N LEU C 95 -34.14 13.35 -8.97
CA LEU C 95 -34.94 13.96 -7.90
C LEU C 95 -35.24 13.01 -6.76
N SER C 96 -35.52 11.72 -7.04
CA SER C 96 -35.80 10.73 -6.00
CA SER C 96 -35.81 10.73 -6.00
C SER C 96 -34.61 10.52 -5.05
N VAL C 97 -33.38 10.68 -5.56
CA VAL C 97 -32.16 10.50 -4.76
C VAL C 97 -31.86 11.77 -3.94
N PHE C 98 -32.06 12.95 -4.54
CA PHE C 98 -31.80 14.24 -3.91
C PHE C 98 -32.93 14.72 -2.99
N SER C 99 -34.06 14.03 -2.95
CA SER C 99 -35.19 14.45 -2.11
C SER C 99 -35.00 14.09 -0.63
N ASP C 100 -35.83 14.68 0.25
CA ASP C 100 -35.83 14.41 1.69
C ASP C 100 -36.35 12.99 2.00
N THR C 101 -37.06 12.38 1.03
CA THR C 101 -37.62 11.03 1.16
C THR C 101 -36.56 9.92 1.04
N ALA C 102 -35.41 10.21 0.40
CA ALA C 102 -34.36 9.22 0.15
C ALA C 102 -33.72 8.70 1.42
N THR C 103 -33.54 7.37 1.49
CA THR C 103 -32.94 6.69 2.64
C THR C 103 -31.44 7.00 2.68
N PRO C 104 -30.77 6.99 3.88
CA PRO C 104 -29.32 7.25 3.88
C PRO C 104 -28.54 6.26 3.00
N ASP C 105 -29.01 4.99 2.89
CA ASP C 105 -28.37 3.97 2.05
C ASP C 105 -28.41 4.34 0.55
N ILE C 106 -29.53 4.91 0.08
CA ILE C 106 -29.69 5.38 -1.31
C ILE C 106 -28.75 6.58 -1.56
N LYS C 107 -28.76 7.56 -0.62
CA LYS C 107 -27.89 8.74 -0.72
C LYS C 107 -26.39 8.36 -0.76
N SER C 108 -25.94 7.40 0.09
CA SER C 108 -24.52 7.02 0.06
C SER C 108 -24.18 6.15 -1.15
N HIS C 109 -25.14 5.35 -1.65
CA HIS C 109 -24.93 4.52 -2.85
C HIS C 109 -24.66 5.43 -4.06
N TYR C 110 -25.49 6.47 -4.25
CA TYR C 110 -25.29 7.39 -5.37
C TYR C 110 -24.12 8.35 -5.18
N ALA C 111 -23.82 8.76 -3.93
CA ALA C 111 -22.66 9.61 -3.66
C ALA C 111 -21.40 8.88 -4.10
N PHE C 112 -21.34 7.54 -3.83
CA PHE C 112 -20.21 6.71 -4.24
C PHE C 112 -20.07 6.74 -5.78
N ARG C 113 -21.19 6.60 -6.50
CA ARG C 113 -21.16 6.63 -7.97
C ARG C 113 -20.69 8.01 -8.50
N ILE C 114 -21.18 9.09 -7.88
CA ILE C 114 -20.79 10.46 -8.27
C ILE C 114 -19.27 10.70 -8.02
N PHE C 115 -18.78 10.25 -6.85
CA PHE C 115 -17.36 10.42 -6.49
C PHE C 115 -16.40 9.46 -7.20
N ASP C 116 -16.91 8.41 -7.88
CA ASP C 116 -16.07 7.45 -8.61
C ASP C 116 -15.85 7.96 -10.06
N PHE C 117 -14.99 9.02 -10.18
CA PHE C 117 -14.69 9.78 -11.41
C PHE C 117 -14.31 8.96 -12.66
N ASP C 118 -13.74 7.75 -12.50
CA ASP C 118 -13.38 6.89 -13.62
C ASP C 118 -14.38 5.74 -13.85
N ASP C 119 -15.35 5.63 -12.94
CA ASP C 119 -16.43 4.61 -13.01
C ASP C 119 -15.87 3.19 -12.94
N ASP C 120 -15.00 2.89 -11.97
CA ASP C 120 -14.38 1.55 -11.88
C ASP C 120 -14.79 0.79 -10.61
N GLY C 121 -15.70 1.34 -9.80
CA GLY C 121 -16.20 0.62 -8.61
C GLY C 121 -15.44 0.86 -7.33
N THR C 122 -14.30 1.55 -7.37
CA THR C 122 -13.56 1.86 -6.14
C THR C 122 -13.12 3.34 -6.14
N LEU C 123 -12.99 3.95 -4.95
CA LEU C 123 -12.47 5.31 -4.86
C LEU C 123 -10.98 5.19 -4.58
N ASN C 124 -10.13 5.63 -5.53
CA ASN C 124 -8.68 5.55 -5.33
C ASN C 124 -8.13 6.95 -4.99
N ARG C 125 -6.79 7.11 -4.86
CA ARG C 125 -6.20 8.41 -4.53
C ARG C 125 -6.53 9.51 -5.55
N GLU C 126 -6.57 9.18 -6.88
CA GLU C 126 -6.93 10.17 -7.90
C GLU C 126 -8.38 10.59 -7.76
N ASP C 127 -9.31 9.63 -7.49
CA ASP C 127 -10.72 9.98 -7.28
C ASP C 127 -10.82 10.95 -6.11
N LEU C 128 -10.12 10.67 -4.99
CA LEU C 128 -10.16 11.53 -3.80
C LEU C 128 -9.55 12.91 -4.07
N SER C 129 -8.47 13.00 -4.89
CA SER C 129 -7.89 14.31 -5.22
C SER C 129 -8.88 15.14 -6.05
N ARG C 130 -9.57 14.50 -7.01
CA ARG C 130 -10.57 15.14 -7.87
C ARG C 130 -11.75 15.63 -7.04
N LEU C 131 -12.17 14.85 -6.03
CA LEU C 131 -13.24 15.22 -5.11
C LEU C 131 -12.85 16.51 -4.33
N VAL C 132 -11.62 16.54 -3.77
CA VAL C 132 -11.13 17.71 -3.02
C VAL C 132 -11.10 18.95 -3.90
N ASN C 133 -10.61 18.82 -5.15
CA ASN C 133 -10.53 19.92 -6.10
C ASN C 133 -11.90 20.46 -6.50
N CYS C 134 -12.96 19.60 -6.54
CA CYS C 134 -14.34 20.02 -6.79
C CYS C 134 -14.81 20.89 -5.63
N LEU C 135 -14.50 20.47 -4.39
CA LEU C 135 -14.89 21.17 -3.17
C LEU C 135 -14.22 22.51 -2.98
N THR C 136 -12.90 22.60 -3.17
CA THR C 136 -12.15 23.85 -3.00
C THR C 136 -12.28 24.77 -4.21
N GLY C 137 -12.53 24.19 -5.38
CA GLY C 137 -12.61 24.95 -6.63
C GLY C 137 -11.26 25.12 -7.29
N THR C 142 -9.98 28.08 -2.45
CA THR C 142 -8.53 28.14 -2.60
C THR C 142 -7.94 26.72 -2.63
N ARG C 143 -7.25 26.39 -3.74
CA ARG C 143 -6.67 25.07 -3.99
C ARG C 143 -5.62 24.67 -2.96
N LEU C 144 -5.64 23.39 -2.55
CA LEU C 144 -4.69 22.86 -1.58
C LEU C 144 -3.34 22.65 -2.23
N SER C 145 -2.25 22.83 -1.46
CA SER C 145 -0.89 22.58 -1.93
C SER C 145 -0.72 21.05 -2.08
N ALA C 146 0.33 20.60 -2.78
CA ALA C 146 0.59 19.16 -2.96
C ALA C 146 0.73 18.48 -1.60
N SER C 147 1.42 19.14 -0.62
CA SER C 147 1.60 18.59 0.73
C SER C 147 0.29 18.49 1.52
N GLU C 148 -0.58 19.52 1.46
CA GLU C 148 -1.90 19.54 2.14
C GLU C 148 -2.81 18.47 1.57
N MET C 149 -2.81 18.30 0.23
CA MET C 149 -3.62 17.30 -0.48
C MET C 149 -3.20 15.90 -0.02
N LYS C 150 -1.88 15.64 0.00
CA LYS C 150 -1.30 14.36 0.41
C LYS C 150 -1.74 13.95 1.83
N GLN C 151 -1.66 14.89 2.80
CA GLN C 151 -2.05 14.66 4.19
C GLN C 151 -3.54 14.41 4.32
N LEU C 152 -4.38 15.19 3.60
CA LEU C 152 -5.82 15.02 3.63
C LEU C 152 -6.23 13.65 3.05
N ILE C 153 -5.65 13.25 1.90
CA ILE C 153 -5.95 11.95 1.29
C ILE C 153 -5.54 10.82 2.26
N ASP C 154 -4.35 10.96 2.91
CA ASP C 154 -3.87 9.99 3.91
C ASP C 154 -4.86 9.83 5.08
N ASN C 155 -5.40 10.95 5.63
CA ASN C 155 -6.40 10.95 6.71
C ASN C 155 -7.75 10.35 6.27
N ILE C 156 -8.17 10.57 5.01
CA ILE C 156 -9.43 10.02 4.50
C ILE C 156 -9.28 8.50 4.43
N LEU C 157 -8.18 8.00 3.82
CA LEU C 157 -7.94 6.57 3.68
C LEU C 157 -7.72 5.86 5.01
N GLU C 158 -7.11 6.54 6.00
CA GLU C 158 -6.87 5.94 7.32
C GLU C 158 -8.18 5.62 8.03
N GLU C 159 -9.21 6.46 7.86
CA GLU C 159 -10.52 6.28 8.51
C GLU C 159 -11.52 5.49 7.66
N SER C 160 -11.34 5.46 6.33
CA SER C 160 -12.29 4.82 5.42
C SER C 160 -11.91 3.42 4.92
N ASP C 161 -10.63 3.20 4.59
CA ASP C 161 -10.17 1.95 4.00
C ASP C 161 -9.84 0.88 5.03
N ILE C 162 -10.84 0.06 5.36
CA ILE C 162 -10.72 -0.98 6.41
C ILE C 162 -9.67 -2.04 6.05
N ASP C 163 -9.68 -2.52 4.81
CA ASP C 163 -8.77 -3.61 4.34
C ASP C 163 -7.36 -3.11 4.04
N ARG C 164 -7.15 -1.80 4.12
CA ARG C 164 -5.82 -1.18 3.91
C ARG C 164 -5.27 -1.45 2.51
N ASP C 165 -6.13 -1.69 1.51
CA ASP C 165 -5.68 -1.99 0.14
C ASP C 165 -5.39 -0.72 -0.65
N GLY C 166 -5.67 0.45 -0.10
CA GLY C 166 -5.41 1.73 -0.80
C GLY C 166 -6.62 2.30 -1.52
N THR C 167 -7.75 1.58 -1.52
CA THR C 167 -8.95 2.09 -2.21
C THR C 167 -10.19 1.89 -1.35
N ILE C 168 -11.22 2.67 -1.62
CA ILE C 168 -12.48 2.57 -0.86
C ILE C 168 -13.52 1.89 -1.75
N ASN C 169 -14.00 0.73 -1.33
CA ASN C 169 -15.06 0.07 -2.08
C ASN C 169 -16.42 0.55 -1.52
N LEU C 170 -17.54 0.13 -2.13
CA LEU C 170 -18.86 0.58 -1.72
C LEU C 170 -19.21 0.25 -0.24
N SER C 171 -18.95 -0.97 0.20
CA SER C 171 -19.31 -1.32 1.59
C SER C 171 -18.50 -0.48 2.59
N GLU C 172 -17.24 -0.21 2.30
CA GLU C 172 -16.39 0.61 3.20
C GLU C 172 -16.93 2.03 3.20
N PHE C 173 -17.33 2.52 2.02
CA PHE C 173 -17.86 3.89 1.90
C PHE C 173 -19.12 4.03 2.76
N GLN C 174 -20.08 3.14 2.53
CA GLN C 174 -21.34 3.22 3.26
C GLN C 174 -21.12 3.16 4.77
N HIS C 175 -20.09 2.43 5.22
CA HIS C 175 -19.75 2.34 6.64
C HIS C 175 -19.23 3.67 7.19
N VAL C 176 -18.27 4.31 6.50
CA VAL C 176 -17.71 5.59 6.95
C VAL C 176 -18.78 6.70 6.92
N ILE C 177 -19.65 6.73 5.89
CA ILE C 177 -20.76 7.70 5.81
C ILE C 177 -21.74 7.49 6.99
N SER C 178 -22.04 6.22 7.37
CA SER C 178 -22.97 5.94 8.48
C SER C 178 -22.44 6.42 9.84
N ARG C 179 -21.14 6.76 9.92
CA ARG C 179 -20.45 7.28 11.11
C ARG C 179 -20.37 8.82 11.13
N SER C 180 -21.09 9.51 10.25
CA SER C 180 -21.06 10.99 10.09
C SER C 180 -21.41 11.83 11.31
N PRO C 181 -20.56 12.80 11.67
CA PRO C 181 -20.68 13.54 12.94
C PRO C 181 -22.06 14.15 13.22
N LEU D 19 12.70 -1.86 12.40
CA LEU D 19 12.16 -2.59 13.54
C LEU D 19 12.32 -4.11 13.37
N THR D 20 12.77 -4.78 14.40
CA THR D 20 12.93 -6.21 14.40
C THR D 20 11.94 -6.86 15.36
N PHE D 21 11.60 -8.10 15.12
CA PHE D 21 10.59 -8.83 15.88
C PHE D 21 11.08 -10.20 16.33
N LEU D 22 10.58 -10.65 17.49
CA LEU D 22 10.86 -11.95 18.08
C LEU D 22 9.55 -12.45 18.69
N THR D 23 9.30 -13.77 18.60
CA THR D 23 8.12 -14.35 19.27
C THR D 23 8.65 -14.84 20.61
N LYS D 24 7.77 -15.05 21.59
CA LYS D 24 8.17 -15.55 22.91
C LYS D 24 8.81 -16.93 22.78
N GLN D 25 8.26 -17.79 21.88
CA GLN D 25 8.78 -19.14 21.66
C GLN D 25 10.21 -19.10 21.17
N GLU D 26 10.51 -18.22 20.21
CA GLU D 26 11.85 -18.04 19.65
C GLU D 26 12.85 -17.63 20.73
N ILE D 27 12.48 -16.67 21.63
CA ILE D 27 13.38 -16.19 22.71
C ILE D 27 13.69 -17.32 23.70
N LEU D 28 12.65 -18.03 24.13
CA LEU D 28 12.80 -19.14 25.09
C LEU D 28 13.63 -20.28 24.52
N LEU D 29 13.37 -20.66 23.25
CA LEU D 29 14.14 -21.73 22.61
C LEU D 29 15.57 -21.27 22.33
N ALA D 30 15.77 -19.98 21.97
CA ALA D 30 17.10 -19.46 21.71
C ALA D 30 17.98 -19.50 22.96
N HIS D 31 17.40 -19.22 24.14
CA HIS D 31 18.14 -19.20 25.39
C HIS D 31 18.65 -20.58 25.71
N ARG D 32 17.84 -21.60 25.47
CA ARG D 32 18.24 -23.01 25.71
C ARG D 32 19.40 -23.40 24.79
N ARG D 33 19.30 -23.07 23.49
CA ARG D 33 20.38 -23.36 22.51
C ARG D 33 21.68 -22.63 22.86
N PHE D 34 21.58 -21.37 23.27
CA PHE D 34 22.73 -20.55 23.65
C PHE D 34 23.40 -21.09 24.92
N CYS D 35 22.62 -21.45 25.95
CA CYS D 35 23.14 -22.00 27.21
C CYS D 35 23.90 -23.33 27.04
N GLU D 36 23.56 -24.13 26.02
CA GLU D 36 24.25 -25.38 25.73
C GLU D 36 25.68 -25.15 25.25
N LEU D 37 26.00 -23.93 24.80
CA LEU D 37 27.34 -23.57 24.30
C LEU D 37 28.21 -23.02 25.43
N LEU D 38 27.64 -22.80 26.60
CA LEU D 38 28.35 -22.19 27.72
C LEU D 38 28.97 -23.21 28.65
N PRO D 39 30.09 -22.84 29.35
CA PRO D 39 30.61 -23.72 30.42
C PRO D 39 29.48 -23.85 31.45
N GLN D 40 29.35 -25.02 32.06
CA GLN D 40 28.30 -25.34 33.03
C GLN D 40 28.06 -24.26 34.09
N GLU D 41 29.13 -23.63 34.61
CA GLU D 41 29.02 -22.61 35.68
C GLU D 41 28.38 -21.29 35.24
N GLN D 42 28.23 -21.06 33.92
CA GLN D 42 27.65 -19.81 33.41
C GLN D 42 26.24 -19.99 32.87
N ARG D 43 25.60 -21.13 33.16
CA ARG D 43 24.28 -21.45 32.59
C ARG D 43 23.05 -20.89 33.35
N SER D 44 23.22 -20.21 34.50
CA SER D 44 22.05 -19.59 35.17
C SER D 44 21.56 -18.42 34.31
N VAL D 45 20.33 -17.97 34.53
CA VAL D 45 19.78 -16.84 33.73
C VAL D 45 20.67 -15.61 33.86
N GLU D 46 20.99 -15.23 35.07
CA GLU D 46 21.82 -14.02 35.30
C GLU D 46 23.21 -14.18 34.67
N SER D 47 23.88 -15.31 34.85
CA SER D 47 25.23 -15.54 34.28
C SER D 47 25.19 -15.61 32.74
N SER D 48 24.22 -16.31 32.19
CA SER D 48 24.14 -16.48 30.72
C SER D 48 23.95 -15.18 30.00
N LEU D 49 23.28 -14.22 30.61
CA LEU D 49 23.04 -12.90 29.98
C LEU D 49 24.27 -11.96 30.00
N ARG D 50 25.34 -12.34 30.72
CA ARG D 50 26.61 -11.57 30.77
C ARG D 50 27.69 -12.31 29.95
N ALA D 51 27.43 -13.56 29.58
CA ALA D 51 28.39 -14.42 28.93
C ALA D 51 28.65 -14.12 27.46
N GLN D 52 29.87 -14.43 26.98
CA GLN D 52 30.29 -14.25 25.59
C GLN D 52 30.73 -15.62 25.09
N VAL D 53 30.14 -16.08 23.97
CA VAL D 53 30.46 -17.37 23.37
C VAL D 53 31.41 -17.17 22.18
N PRO D 54 32.61 -17.77 22.18
CA PRO D 54 33.54 -17.60 21.05
C PRO D 54 32.94 -18.15 19.74
N PHE D 55 33.34 -17.56 18.61
CA PHE D 55 32.87 -17.94 17.27
C PHE D 55 32.97 -19.44 17.00
N GLU D 56 34.06 -20.10 17.45
CA GLU D 56 34.27 -21.54 17.29
C GLU D 56 33.05 -22.37 17.75
N GLN D 57 32.44 -21.98 18.89
CA GLN D 57 31.25 -22.63 19.45
C GLN D 57 29.98 -22.23 18.67
N ILE D 58 29.87 -20.96 18.25
CA ILE D 58 28.70 -20.49 17.47
C ILE D 58 28.64 -21.19 16.11
N LEU D 59 29.79 -21.30 15.42
CA LEU D 59 29.93 -21.92 14.11
C LEU D 59 29.54 -23.40 14.12
N SER D 60 29.58 -24.04 15.29
CA SER D 60 29.21 -25.44 15.46
C SER D 60 27.69 -25.67 15.54
N LEU D 61 26.88 -24.59 15.71
CA LEU D 61 25.43 -24.71 15.82
C LEU D 61 24.82 -25.31 14.55
N PRO D 62 23.96 -26.36 14.68
CA PRO D 62 23.37 -26.98 13.47
C PRO D 62 22.62 -26.02 12.55
N GLU D 63 22.01 -24.95 13.11
CA GLU D 63 21.29 -23.95 12.31
C GLU D 63 22.23 -22.99 11.53
N LEU D 64 23.56 -23.05 11.79
CA LEU D 64 24.54 -22.18 11.13
C LEU D 64 25.68 -22.91 10.42
N LYS D 65 26.02 -24.12 10.90
CA LYS D 65 27.16 -24.93 10.40
C LYS D 65 27.20 -25.13 8.88
N ALA D 66 26.04 -25.25 8.22
CA ALA D 66 25.95 -25.48 6.77
C ALA D 66 25.90 -24.17 5.96
N ASN D 67 25.77 -23.00 6.62
CA ASN D 67 25.70 -21.73 5.92
C ASN D 67 27.08 -21.33 5.31
N PRO D 68 27.16 -21.09 3.98
CA PRO D 68 28.45 -20.70 3.39
C PRO D 68 28.99 -19.35 3.89
N PHE D 69 28.13 -18.53 4.53
CA PHE D 69 28.55 -17.20 5.04
C PHE D 69 28.68 -17.15 6.57
N LYS D 70 28.72 -18.31 7.24
CA LYS D 70 28.77 -18.40 8.70
C LYS D 70 29.88 -17.56 9.37
N GLU D 71 31.07 -17.47 8.75
CA GLU D 71 32.15 -16.65 9.31
C GLU D 71 31.78 -15.17 9.29
N ARG D 72 31.16 -14.71 8.18
CA ARG D 72 30.76 -13.30 8.06
C ARG D 72 29.56 -12.97 8.96
N ILE D 73 28.63 -13.92 9.13
CA ILE D 73 27.42 -13.76 9.95
C ILE D 73 27.87 -13.43 11.39
N CYS D 74 28.77 -14.24 11.93
CA CYS D 74 29.33 -14.04 13.27
C CYS D 74 29.90 -12.67 13.47
N ARG D 75 30.74 -12.20 12.52
CA ARG D 75 31.41 -10.89 12.61
C ARG D 75 30.43 -9.74 12.54
N VAL D 76 29.42 -9.82 11.65
CA VAL D 76 28.43 -8.75 11.52
C VAL D 76 27.58 -8.57 12.80
N PHE D 77 27.24 -9.67 13.48
CA PHE D 77 26.37 -9.61 14.65
C PHE D 77 27.12 -9.42 15.99
N SER D 78 28.43 -9.66 16.03
CA SER D 78 29.20 -9.51 17.26
C SER D 78 29.27 -8.07 17.76
N THR D 79 28.94 -7.84 19.04
CA THR D 79 29.13 -6.51 19.64
C THR D 79 30.16 -6.63 20.78
N SER D 80 30.94 -7.72 20.76
CA SER D 80 31.92 -8.00 21.80
C SER D 80 33.17 -7.08 21.74
N PRO D 81 33.94 -6.91 22.84
CA PRO D 81 35.10 -5.97 22.81
C PRO D 81 36.11 -6.20 21.69
N ALA D 82 36.45 -7.47 21.38
CA ALA D 82 37.39 -7.80 20.32
C ALA D 82 36.69 -8.38 19.07
N LYS D 83 35.34 -8.27 19.00
CA LYS D 83 34.50 -8.76 17.90
C LYS D 83 34.80 -10.22 17.54
N ASP D 84 35.05 -11.06 18.57
CA ASP D 84 35.39 -12.49 18.40
C ASP D 84 34.44 -13.43 19.11
N SER D 85 33.31 -12.91 19.60
CA SER D 85 32.35 -13.73 20.33
C SER D 85 30.94 -13.12 20.25
N LEU D 86 29.92 -13.91 20.62
CA LEU D 86 28.53 -13.43 20.62
C LEU D 86 27.97 -13.54 22.03
N SER D 87 27.28 -12.51 22.49
CA SER D 87 26.54 -12.57 23.74
C SER D 87 25.12 -13.06 23.36
N PHE D 88 24.27 -13.27 24.34
CA PHE D 88 22.89 -13.69 24.07
C PHE D 88 22.13 -12.60 23.31
N GLU D 89 22.37 -11.34 23.65
CA GLU D 89 21.73 -10.21 22.95
C GLU D 89 22.09 -10.22 21.44
N ASP D 90 23.38 -10.46 21.10
CA ASP D 90 23.88 -10.58 19.72
C ASP D 90 23.19 -11.77 19.04
N PHE D 91 23.08 -12.89 19.75
CA PHE D 91 22.44 -14.08 19.25
C PHE D 91 20.94 -13.84 18.91
N LEU D 92 20.20 -13.11 19.76
CA LEU D 92 18.82 -12.74 19.45
C LEU D 92 18.71 -11.78 18.26
N ASP D 93 19.67 -10.86 18.12
CA ASP D 93 19.69 -9.90 16.98
C ASP D 93 19.80 -10.74 15.70
N LEU D 94 20.72 -11.73 15.71
CA LEU D 94 20.95 -12.63 14.58
C LEU D 94 19.65 -13.38 14.27
N LEU D 95 19.01 -13.95 15.29
CA LEU D 95 17.78 -14.71 15.05
C LEU D 95 16.64 -13.87 14.51
N SER D 96 16.50 -12.61 14.95
CA SER D 96 15.42 -11.73 14.49
CA SER D 96 15.42 -11.73 14.49
C SER D 96 15.55 -11.41 12.99
N VAL D 97 16.78 -11.41 12.46
CA VAL D 97 17.05 -11.12 11.04
C VAL D 97 16.80 -12.38 10.19
N PHE D 98 17.23 -13.54 10.68
CA PHE D 98 17.10 -14.82 9.98
C PHE D 98 15.69 -15.46 10.11
N SER D 99 14.81 -14.91 10.96
CA SER D 99 13.47 -15.48 11.16
C SER D 99 12.51 -15.16 10.01
N ASP D 100 11.37 -15.89 9.95
CA ASP D 100 10.31 -15.68 8.95
C ASP D 100 9.58 -14.35 9.18
N THR D 101 9.71 -13.78 10.40
CA THR D 101 9.07 -12.51 10.79
C THR D 101 9.78 -11.28 10.19
N ALA D 102 11.06 -11.42 9.77
CA ALA D 102 11.85 -10.30 9.26
C ALA D 102 11.35 -9.77 7.94
N THR D 103 11.29 -8.43 7.82
CA THR D 103 10.82 -7.75 6.61
C THR D 103 11.86 -7.91 5.49
N PRO D 104 11.47 -7.89 4.19
CA PRO D 104 12.50 -7.99 3.13
C PRO D 104 13.56 -6.90 3.23
N ASP D 105 13.19 -5.67 3.70
CA ASP D 105 14.11 -4.55 3.85
C ASP D 105 15.21 -4.84 4.90
N ILE D 106 14.86 -5.51 6.00
CA ILE D 106 15.81 -5.89 7.06
C ILE D 106 16.72 -6.98 6.50
N LYS D 107 16.12 -7.98 5.84
CA LYS D 107 16.88 -9.08 5.24
C LYS D 107 17.92 -8.58 4.21
N SER D 108 17.55 -7.61 3.36
CA SER D 108 18.51 -7.10 2.37
C SER D 108 19.53 -6.15 3.00
N HIS D 109 19.15 -5.42 4.06
CA HIS D 109 20.07 -4.52 4.78
C HIS D 109 21.22 -5.34 5.40
N TYR D 110 20.88 -6.44 6.08
CA TYR D 110 21.92 -7.28 6.69
C TYR D 110 22.69 -8.14 5.67
N ALA D 111 22.05 -8.56 4.57
CA ALA D 111 22.74 -9.31 3.52
C ALA D 111 23.86 -8.43 2.95
N PHE D 112 23.57 -7.12 2.78
CA PHE D 112 24.57 -6.16 2.30
C PHE D 112 25.76 -6.09 3.27
N ARG D 113 25.49 -6.05 4.59
CA ARG D 113 26.56 -5.98 5.59
C ARG D 113 27.40 -7.28 5.55
N ILE D 114 26.73 -8.44 5.42
CA ILE D 114 27.43 -9.74 5.37
C ILE D 114 28.32 -9.82 4.10
N PHE D 115 27.79 -9.40 2.95
CA PHE D 115 28.52 -9.45 1.67
C PHE D 115 29.60 -8.36 1.52
N ASP D 116 29.61 -7.37 2.40
CA ASP D 116 30.63 -6.30 2.35
C ASP D 116 31.84 -6.73 3.17
N PHE D 117 32.66 -7.64 2.59
CA PHE D 117 33.81 -8.30 3.22
C PHE D 117 34.87 -7.37 3.85
N ASP D 118 35.02 -6.14 3.36
CA ASP D 118 35.99 -5.19 3.92
C ASP D 118 35.35 -4.10 4.81
N ASP D 119 34.03 -4.16 4.93
CA ASP D 119 33.21 -3.28 5.81
C ASP D 119 33.39 -1.81 5.46
N ASP D 120 33.40 -1.46 4.19
CA ASP D 120 33.59 -0.05 3.77
C ASP D 120 32.30 0.57 3.23
N GLY D 121 31.19 -0.15 3.15
CA GLY D 121 29.94 0.49 2.72
C GLY D 121 29.52 0.29 1.27
N THR D 122 30.38 -0.30 0.44
CA THR D 122 30.05 -0.61 -0.96
C THR D 122 30.54 -2.01 -1.31
N LEU D 123 29.88 -2.68 -2.27
CA LEU D 123 30.30 -3.99 -2.76
C LEU D 123 31.10 -3.75 -4.01
N ASN D 124 32.41 -4.04 -3.97
CA ASN D 124 33.26 -3.85 -5.15
C ASN D 124 33.55 -5.19 -5.84
N ARG D 125 34.42 -5.21 -6.87
CA ARG D 125 34.72 -6.48 -7.57
C ARG D 125 35.33 -7.54 -6.67
N GLU D 126 36.21 -7.15 -5.70
CA GLU D 126 36.81 -8.14 -4.77
C GLU D 126 35.75 -8.71 -3.85
N ASP D 127 34.78 -7.87 -3.38
CA ASP D 127 33.69 -8.38 -2.53
C ASP D 127 32.89 -9.42 -3.28
N LEU D 128 32.53 -9.12 -4.55
CA LEU D 128 31.79 -10.05 -5.41
C LEU D 128 32.55 -11.35 -5.67
N SER D 129 33.90 -11.28 -5.89
CA SER D 129 34.70 -12.49 -6.09
C SER D 129 34.70 -13.36 -4.82
N ARG D 130 34.82 -12.72 -3.64
CA ARG D 130 34.79 -13.44 -2.35
C ARG D 130 33.42 -14.07 -2.15
N LEU D 131 32.36 -13.35 -2.52
CA LEU D 131 31.00 -13.86 -2.42
C LEU D 131 30.83 -15.15 -3.27
N VAL D 132 31.28 -15.12 -4.54
CA VAL D 132 31.20 -16.26 -5.47
C VAL D 132 31.98 -17.44 -4.91
N ASN D 133 33.20 -17.20 -4.39
CA ASN D 133 34.05 -18.26 -3.82
C ASN D 133 33.42 -18.92 -2.59
N CYS D 134 32.65 -18.17 -1.78
CA CYS D 134 31.88 -18.71 -0.63
C CYS D 134 30.82 -19.68 -1.18
N LEU D 135 30.11 -19.25 -2.23
CA LEU D 135 29.03 -20.05 -2.83
C LEU D 135 29.50 -21.35 -3.48
N THR D 136 30.56 -21.28 -4.30
CA THR D 136 31.06 -22.47 -5.01
C THR D 136 31.93 -23.35 -4.13
N GLY D 137 32.54 -22.76 -3.11
CA GLY D 137 33.45 -23.45 -2.19
C GLY D 137 34.86 -23.48 -2.70
N THR D 142 32.68 -26.46 -7.13
CA THR D 142 33.70 -26.33 -8.17
C THR D 142 34.03 -24.86 -8.43
N ARG D 143 35.26 -24.44 -8.07
CA ARG D 143 35.73 -23.05 -8.21
C ARG D 143 35.74 -22.59 -9.67
N LEU D 144 35.29 -21.35 -9.92
CA LEU D 144 35.22 -20.81 -11.26
C LEU D 144 36.61 -20.47 -11.80
N SER D 145 36.77 -20.55 -13.13
CA SER D 145 38.02 -20.17 -13.78
C SER D 145 38.08 -18.61 -13.70
N ALA D 146 39.26 -18.02 -13.92
CA ALA D 146 39.43 -16.57 -13.92
C ALA D 146 38.49 -15.90 -14.94
N SER D 147 38.34 -16.53 -16.14
CA SER D 147 37.44 -16.02 -17.18
C SER D 147 35.95 -16.09 -16.78
N GLU D 148 35.50 -17.21 -16.19
CA GLU D 148 34.11 -17.40 -15.72
C GLU D 148 33.77 -16.39 -14.62
N MET D 149 34.71 -16.17 -13.67
CA MET D 149 34.55 -15.22 -12.57
C MET D 149 34.38 -13.81 -13.13
N LYS D 150 35.26 -13.42 -14.08
CA LYS D 150 35.23 -12.10 -14.72
C LYS D 150 33.87 -11.81 -15.39
N GLN D 151 33.33 -12.77 -16.14
CA GLN D 151 32.04 -12.63 -16.86
C GLN D 151 30.89 -12.56 -15.88
N LEU D 152 30.91 -13.40 -14.83
CA LEU D 152 29.85 -13.38 -13.81
C LEU D 152 29.84 -12.03 -13.04
N ILE D 153 31.03 -11.52 -12.63
CA ILE D 153 31.12 -10.23 -11.93
C ILE D 153 30.59 -9.12 -12.86
N ASP D 154 30.97 -9.14 -14.15
CA ASP D 154 30.49 -8.18 -15.17
C ASP D 154 28.94 -8.19 -15.27
N ASN D 155 28.31 -9.39 -15.30
CA ASN D 155 26.85 -9.55 -15.33
C ASN D 155 26.17 -9.03 -14.06
N ILE D 156 26.79 -9.26 -12.87
CA ILE D 156 26.23 -8.80 -11.60
C ILE D 156 26.24 -7.27 -11.59
N LEU D 157 27.38 -6.66 -11.99
CA LEU D 157 27.51 -5.19 -12.02
C LEU D 157 26.60 -4.54 -13.04
N GLU D 158 26.38 -5.20 -14.18
CA GLU D 158 25.51 -4.66 -15.25
C GLU D 158 24.09 -4.50 -14.75
N GLU D 159 23.59 -5.47 -14.01
CA GLU D 159 22.22 -5.46 -13.48
C GLU D 159 22.08 -4.69 -12.17
N SER D 160 23.17 -4.53 -11.38
CA SER D 160 23.07 -3.91 -10.05
C SER D 160 23.56 -2.47 -9.91
N ASP D 161 24.67 -2.13 -10.57
CA ASP D 161 25.30 -0.83 -10.44
C ASP D 161 24.63 0.20 -11.35
N ILE D 162 23.62 0.86 -10.82
CA ILE D 162 22.81 1.84 -11.60
C ILE D 162 23.67 3.03 -12.04
N ASP D 163 24.48 3.60 -11.14
CA ASP D 163 25.32 4.80 -11.43
C ASP D 163 26.61 4.48 -12.18
N ARG D 164 26.85 3.22 -12.55
CA ARG D 164 28.05 2.75 -13.30
C ARG D 164 29.38 3.19 -12.69
N ASP D 165 29.50 3.30 -11.37
CA ASP D 165 30.78 3.72 -10.74
C ASP D 165 31.63 2.50 -10.41
N GLY D 166 31.18 1.30 -10.76
CA GLY D 166 31.94 0.06 -10.51
C GLY D 166 31.67 -0.59 -9.16
N THR D 167 30.85 0.02 -8.30
CA THR D 167 30.55 -0.57 -6.97
C THR D 167 29.05 -0.54 -6.71
N ILE D 168 28.57 -1.40 -5.81
CA ILE D 168 27.13 -1.48 -5.44
C ILE D 168 26.95 -0.89 -4.05
N ASN D 169 26.23 0.20 -3.95
CA ASN D 169 25.94 0.80 -2.65
C ASN D 169 24.65 0.16 -2.07
N LEU D 170 24.29 0.50 -0.85
CA LEU D 170 23.11 -0.10 -0.19
C LEU D 170 21.78 0.11 -0.94
N SER D 171 21.48 1.30 -1.45
CA SER D 171 20.19 1.47 -2.15
C SER D 171 20.16 0.70 -3.48
N GLU D 172 21.28 0.64 -4.20
CA GLU D 172 21.33 -0.15 -5.45
C GLU D 172 21.09 -1.61 -5.10
N PHE D 173 21.72 -2.08 -4.05
CA PHE D 173 21.58 -3.47 -3.62
C PHE D 173 20.12 -3.79 -3.25
N GLN D 174 19.52 -2.96 -2.39
CA GLN D 174 18.13 -3.25 -1.98
C GLN D 174 17.20 -3.24 -3.20
N HIS D 175 17.49 -2.40 -4.20
CA HIS D 175 16.71 -2.35 -5.45
C HIS D 175 16.82 -3.66 -6.26
N VAL D 176 18.05 -4.12 -6.53
CA VAL D 176 18.26 -5.35 -7.30
C VAL D 176 17.64 -6.57 -6.54
N ILE D 177 17.76 -6.62 -5.20
CA ILE D 177 17.15 -7.72 -4.40
C ILE D 177 15.62 -7.68 -4.49
N SER D 178 15.03 -6.47 -4.53
CA SER D 178 13.56 -6.35 -4.63
C SER D 178 13.00 -6.83 -5.98
N ARG D 179 13.89 -7.04 -6.97
CA ARG D 179 13.58 -7.54 -8.31
C ARG D 179 13.78 -9.07 -8.45
N SER D 180 13.93 -9.78 -7.34
CA SER D 180 14.20 -11.23 -7.35
C SER D 180 13.12 -12.13 -7.98
N PRO D 181 13.55 -13.06 -8.83
CA PRO D 181 12.61 -13.83 -9.68
C PRO D 181 11.45 -14.50 -8.95
N ASP E 1 23.17 -14.81 -15.44
CA ASP E 1 22.31 -13.64 -15.21
C ASP E 1 22.43 -13.13 -13.76
N GLY E 2 22.56 -11.81 -13.62
CA GLY E 2 22.69 -11.10 -12.35
C GLY E 2 21.56 -11.34 -11.35
N GLY E 3 20.32 -11.24 -11.84
CA GLY E 3 19.12 -11.46 -11.03
C GLY E 3 19.04 -12.87 -10.49
N SER E 4 19.43 -13.85 -11.33
CA SER E 4 19.45 -15.28 -10.99
C SER E 4 20.53 -15.50 -9.95
N PHE E 5 21.68 -14.84 -10.11
CA PHE E 5 22.76 -14.92 -9.13
C PHE E 5 22.29 -14.43 -7.76
N TRP E 6 21.68 -13.22 -7.70
CA TRP E 6 21.24 -12.69 -6.40
C TRP E 6 20.20 -13.54 -5.71
N TYR E 7 19.31 -14.19 -6.48
CA TYR E 7 18.31 -15.08 -5.89
C TYR E 7 19.02 -16.26 -5.20
N ARG E 8 20.00 -16.87 -5.88
CA ARG E 8 20.79 -17.99 -5.36
CA ARG E 8 20.76 -18.00 -5.33
C ARG E 8 21.60 -17.55 -4.14
N ALA E 9 22.21 -16.36 -4.20
CA ALA E 9 23.02 -15.84 -3.08
C ALA E 9 22.16 -15.61 -1.83
N MET E 10 20.96 -14.99 -2.00
CA MET E 10 20.05 -14.70 -0.88
C MET E 10 19.51 -15.97 -0.28
N LYS E 11 19.21 -16.96 -1.14
CA LYS E 11 18.71 -18.26 -0.72
C LYS E 11 19.78 -19.03 0.05
N ALA E 12 21.06 -18.94 -0.38
CA ALA E 12 22.16 -19.60 0.32
C ALA E 12 22.34 -18.97 1.71
N LEU E 13 22.16 -17.65 1.82
CA LEU E 13 22.26 -16.94 3.09
C LEU E 13 21.07 -17.21 4.04
N TYR E 14 19.82 -17.06 3.56
CA TYR E 14 18.61 -17.14 4.40
C TYR E 14 17.81 -18.44 4.34
N GLY E 15 18.13 -19.31 3.38
CA GLY E 15 17.41 -20.57 3.21
C GLY E 15 16.08 -20.40 2.47
N ASP F 1 -9.53 15.94 9.57
CA ASP F 1 -10.16 14.68 9.98
C ASP F 1 -11.05 14.10 8.88
N GLY F 2 -10.89 12.79 8.63
CA GLY F 2 -11.63 12.04 7.62
C GLY F 2 -13.15 12.12 7.73
N GLY F 3 -13.67 11.90 8.93
CA GLY F 3 -15.10 11.95 9.23
C GLY F 3 -15.69 13.33 8.97
N SER F 4 -14.93 14.38 9.35
CA SER F 4 -15.29 15.79 9.15
C SER F 4 -15.27 16.10 7.66
N PHE F 5 -14.31 15.53 6.91
CA PHE F 5 -14.25 15.69 5.46
C PHE F 5 -15.49 15.09 4.81
N TRP F 6 -15.85 13.83 5.13
CA TRP F 6 -17.02 13.19 4.51
C TRP F 6 -18.33 13.91 4.79
N TYR F 7 -18.48 14.49 5.99
CA TYR F 7 -19.67 15.26 6.34
C TYR F 7 -19.79 16.46 5.40
N ARG F 8 -18.67 17.21 5.21
CA ARG F 8 -18.60 18.39 4.34
CA ARG F 8 -18.64 18.38 4.34
C ARG F 8 -18.87 17.99 2.89
N ALA F 9 -18.29 16.85 2.45
CA ALA F 9 -18.47 16.37 1.07
C ALA F 9 -19.93 16.01 0.79
N MET F 10 -20.58 15.27 1.71
CA MET F 10 -21.98 14.85 1.57
C MET F 10 -22.92 16.04 1.61
N LYS F 11 -22.61 17.03 2.48
CA LYS F 11 -23.40 18.26 2.60
C LYS F 11 -23.27 19.11 1.32
N ALA F 12 -22.07 19.17 0.72
CA ALA F 12 -21.86 19.88 -0.54
C ALA F 12 -22.66 19.21 -1.67
N LEU F 13 -22.74 17.88 -1.65
CA LEU F 13 -23.49 17.15 -2.66
C LEU F 13 -25.02 17.25 -2.47
N TYR F 14 -25.53 16.99 -1.25
CA TYR F 14 -26.98 16.93 -1.00
C TYR F 14 -27.63 18.14 -0.34
N GLY F 15 -26.83 19.08 0.15
CA GLY F 15 -27.31 20.28 0.84
C GLY F 15 -27.68 20.00 2.28
N ASP G 1 -17.78 -3.94 27.64
CA ASP G 1 -16.58 -3.27 27.07
C ASP G 1 -16.25 -3.92 25.71
N GLY G 2 -17.03 -3.57 24.71
CA GLY G 2 -16.99 -4.06 23.34
C GLY G 2 -15.65 -4.46 22.78
N GLY G 3 -14.71 -3.51 22.73
CA GLY G 3 -13.36 -3.73 22.17
C GLY G 3 -12.59 -4.83 22.89
N SER G 4 -12.68 -4.84 24.23
CA SER G 4 -12.04 -5.83 25.08
C SER G 4 -12.71 -7.17 24.85
N PHE G 5 -14.04 -7.18 24.72
CA PHE G 5 -14.76 -8.42 24.40
C PHE G 5 -14.27 -9.01 23.08
N TRP G 6 -14.23 -8.22 21.98
CA TRP G 6 -13.81 -8.75 20.69
C TRP G 6 -12.38 -9.28 20.68
N TYR G 7 -11.47 -8.66 21.45
CA TYR G 7 -10.10 -9.14 21.55
C TYR G 7 -10.10 -10.55 22.14
N ARG G 8 -10.85 -10.75 23.26
CA ARG G 8 -10.98 -12.04 23.95
CA ARG G 8 -10.94 -12.04 23.93
C ARG G 8 -11.64 -13.07 23.04
N ALA G 9 -12.68 -12.66 22.30
CA ALA G 9 -13.38 -13.58 21.39
C ALA G 9 -12.47 -14.06 20.25
N MET G 10 -11.72 -13.14 19.62
CA MET G 10 -10.80 -13.46 18.52
C MET G 10 -9.65 -14.32 19.00
N LYS G 11 -9.17 -14.05 20.23
CA LYS G 11 -8.07 -14.83 20.83
C LYS G 11 -8.56 -16.24 21.16
N ALA G 12 -9.82 -16.39 21.62
CA ALA G 12 -10.39 -17.71 21.91
C ALA G 12 -10.54 -18.51 20.61
N LEU G 13 -10.88 -17.85 19.52
CA LEU G 13 -10.99 -18.50 18.22
C LEU G 13 -9.63 -18.85 17.58
N TYR G 14 -8.69 -17.90 17.51
CA TYR G 14 -7.41 -18.08 16.80
C TYR G 14 -6.17 -18.37 17.66
N GLY G 15 -6.29 -18.22 18.96
CA GLY G 15 -5.18 -18.46 19.88
C GLY G 15 -5.15 -19.90 20.36
N ASP H 1 2.22 3.27 -21.56
CA ASP H 1 3.46 2.49 -21.47
C ASP H 1 4.55 3.28 -20.72
N GLY H 2 4.96 2.73 -19.57
CA GLY H 2 5.95 3.30 -18.64
C GLY H 2 7.26 3.83 -19.19
N GLY H 3 7.97 2.99 -19.94
CA GLY H 3 9.27 3.34 -20.53
C GLY H 3 9.19 4.49 -21.51
N SER H 4 8.20 4.43 -22.41
CA SER H 4 7.93 5.45 -23.41
C SER H 4 7.58 6.76 -22.70
N PHE H 5 6.76 6.70 -21.62
CA PHE H 5 6.37 7.87 -20.83
C PHE H 5 7.59 8.57 -20.23
N TRP H 6 8.48 7.84 -19.53
CA TRP H 6 9.65 8.46 -18.90
C TRP H 6 10.59 9.12 -19.88
N TYR H 7 10.72 8.57 -21.10
CA TYR H 7 11.57 9.17 -22.12
C TYR H 7 11.00 10.55 -22.49
N ARG H 8 9.67 10.62 -22.72
CA ARG H 8 8.96 11.86 -23.06
CA ARG H 8 9.00 11.87 -23.07
C ARG H 8 9.05 12.87 -21.92
N ALA H 9 8.88 12.39 -20.67
CA ALA H 9 8.96 13.27 -19.50
C ALA H 9 10.35 13.88 -19.33
N MET H 10 11.42 13.08 -19.46
CA MET H 10 12.81 13.54 -19.32
C MET H 10 13.18 14.49 -20.44
N LYS H 11 12.66 14.21 -21.65
CA LYS H 11 12.92 15.06 -22.82
C LYS H 11 12.21 16.41 -22.66
N ALA H 12 10.99 16.42 -22.09
CA ALA H 12 10.26 17.67 -21.82
C ALA H 12 11.01 18.50 -20.76
N LEU H 13 11.63 17.84 -19.78
CA LEU H 13 12.40 18.52 -18.76
C LEU H 13 13.77 19.04 -19.26
N TYR H 14 14.56 18.20 -19.92
CA TYR H 14 15.94 18.56 -20.34
C TYR H 14 16.15 18.91 -21.81
N GLY H 15 15.15 18.70 -22.64
CA GLY H 15 15.24 19.01 -24.06
C GLY H 15 14.76 20.42 -24.37
#